data_9HUL
#
_entry.id   9HUL
#
_cell.length_a   82.440
_cell.length_b   85.860
_cell.length_c   178.020
_cell.angle_alpha   90.00
_cell.angle_beta   90.00
_cell.angle_gamma   90.00
#
_symmetry.space_group_name_H-M   'P 21 21 21'
#
loop_
_entity.id
_entity.type
_entity.pdbx_description
1 polymer 'Glycogen synthase kinase-3 beta'
2 non-polymer ~{N}-[3-[4-[2,3-bis(chloranyl)phenyl]piperazin-1-yl]propyl]-2-oxidanylidene-6-pyridin-3-yl-3~{H}-benzimidazole-1-carboxamide
#
_entity_poly.entity_id   1
_entity_poly.type   'polypeptide(L)'
_entity_poly.pdbx_seq_one_letter_code
;MGHHHHHHSSGVDLGTENLYFQSSGRPRTTSFAESCKPVQQPSAFGSMKVSRDKDGSKVTTVVATPGQGPDRPQEVSYTD
TKVIGNGSFGVVYQAKLCDSGELVAIKKVLQDKRFKNRELQIMRKLDHCNIVRLRYFFYSSGEKKDEVYLNLVLDYVPET
VYRVARHYSRAKQTLPVIYVKLYMYQLFRSLAYIHSFGICHRDIKPQNLLLDPDTAVLKLCDFGSAKQLVRGEPNVSYIC
SRYYRAPELIFGATDYTSSIDVWSAGCVLAELLLGQPIFPGDSGVDQLVEIIKVLGTPTREQIREMNPNYTEFKFPQIKA
HPWTKVFRPRTPPEAIALCSRLLEYTPTARLTPLEACAHSFFDELRDPNVKLPNGRDTPALFNFTTQELSSNPPLATILI
PPHARIQAAASTPTNATAASDANTGDRGQTNNAASASASNST
;
_entity_poly.pdbx_strand_id   A,B
#
# COMPACT_ATOMS: atom_id res chain seq x y z
N SER A 47 28.20 26.08 2.89
CA SER A 47 29.57 25.88 3.33
C SER A 47 29.64 25.09 4.64
N MET A 48 30.52 24.09 4.68
CA MET A 48 30.79 23.34 5.90
C MET A 48 32.28 23.02 5.96
N LYS A 49 32.81 22.98 7.17
CA LYS A 49 34.24 22.81 7.41
C LYS A 49 34.48 21.47 8.09
N VAL A 50 35.00 20.51 7.34
CA VAL A 50 35.38 19.22 7.90
C VAL A 50 36.76 19.33 8.54
N SER A 51 36.96 18.62 9.64
CA SER A 51 38.22 18.64 10.36
C SER A 51 38.30 17.38 11.23
N ARG A 52 39.32 17.31 12.07
CA ARG A 52 39.52 16.20 12.99
C ARG A 52 39.75 16.74 14.39
N ASP A 53 39.56 15.87 15.37
CA ASP A 53 39.91 16.19 16.76
C ASP A 53 41.38 15.80 16.92
N LYS A 54 41.82 15.66 18.16
CA LYS A 54 43.15 15.16 18.45
C LYS A 54 43.26 13.71 18.91
N ASP A 55 42.15 12.98 19.01
CA ASP A 55 42.15 11.53 19.22
C ASP A 55 41.67 10.79 17.96
N GLY A 56 41.70 11.48 16.83
CA GLY A 56 41.02 11.02 15.63
C GLY A 56 39.71 11.76 15.48
N SER A 57 38.63 11.01 15.24
CA SER A 57 37.28 11.53 15.28
C SER A 57 37.06 12.69 14.31
N LYS A 58 36.53 12.40 13.13
CA LYS A 58 36.22 13.45 12.17
C LYS A 58 35.10 14.33 12.71
N VAL A 59 35.28 15.65 12.60
CA VAL A 59 34.35 16.63 13.15
C VAL A 59 33.89 17.55 12.03
N THR A 60 32.58 17.73 11.90
CA THR A 60 31.98 18.63 10.93
C THR A 60 31.45 19.86 11.66
N THR A 61 31.76 21.04 11.14
CA THR A 61 31.31 22.30 11.72
C THR A 61 30.57 23.10 10.66
N VAL A 62 29.31 23.42 10.94
CA VAL A 62 28.46 24.17 10.02
C VAL A 62 27.99 25.45 10.70
N VAL A 63 27.49 26.37 9.88
CA VAL A 63 26.85 27.58 10.36
C VAL A 63 25.36 27.45 10.07
N ALA A 64 24.56 27.29 11.12
CA ALA A 64 23.15 26.98 10.98
C ALA A 64 22.28 28.07 11.60
N THR A 65 21.02 28.10 11.17
CA THR A 65 20.01 29.01 11.70
C THR A 65 19.22 28.32 12.80
N PRO A 66 19.00 28.96 13.94
CA PRO A 66 18.15 28.36 14.98
C PRO A 66 16.76 28.03 14.43
N GLY A 67 16.23 26.89 14.85
CA GLY A 67 14.92 26.48 14.36
C GLY A 67 13.83 27.44 14.78
N GLN A 68 13.84 27.85 16.04
CA GLN A 68 12.91 28.86 16.55
C GLN A 68 13.69 30.06 17.03
N GLY A 69 12.98 31.17 17.22
CA GLY A 69 13.59 32.39 17.69
C GLY A 69 14.15 33.25 16.57
N PRO A 70 14.97 34.23 16.93
CA PRO A 70 15.51 35.14 15.91
C PRO A 70 16.63 34.48 15.11
N ASP A 71 16.89 35.06 13.93
CA ASP A 71 17.90 34.55 13.01
C ASP A 71 19.27 35.03 13.45
N ARG A 72 19.82 34.34 14.46
CA ARG A 72 21.18 34.57 14.91
C ARG A 72 22.02 33.35 14.55
N PRO A 73 22.88 33.43 13.52
CA PRO A 73 23.59 32.25 13.04
C PRO A 73 24.38 31.55 14.14
N GLN A 74 24.66 30.28 13.90
CA GLN A 74 25.12 29.36 14.94
C GLN A 74 26.26 28.50 14.43
N GLU A 75 27.35 28.43 15.19
CA GLU A 75 28.44 27.51 14.89
C GLU A 75 28.17 26.19 15.60
N VAL A 76 27.81 25.16 14.83
CA VAL A 76 27.46 23.85 15.36
C VAL A 76 28.48 22.83 14.87
N SER A 77 29.06 22.09 15.80
CA SER A 77 30.05 21.05 15.50
C SER A 77 29.50 19.71 15.95
N TYR A 78 29.51 18.73 15.04
CA TYR A 78 29.03 17.39 15.35
C TYR A 78 29.97 16.35 14.77
N THR A 79 29.93 15.16 15.36
CA THR A 79 30.76 14.04 14.94
C THR A 79 29.96 12.75 15.06
N ASP A 80 30.62 11.64 14.74
CA ASP A 80 30.02 10.30 14.84
C ASP A 80 28.75 10.20 13.99
N THR A 81 28.85 10.64 12.74
CA THR A 81 27.72 10.60 11.84
C THR A 81 27.47 9.17 11.36
N LYS A 82 26.24 8.69 11.56
CA LYS A 82 25.86 7.36 11.09
C LYS A 82 24.42 7.41 10.57
N VAL A 83 24.18 6.72 9.46
CA VAL A 83 22.86 6.70 8.85
C VAL A 83 21.91 5.87 9.71
N ILE A 84 20.66 6.34 9.81
CA ILE A 84 19.62 5.58 10.50
C ILE A 84 18.41 5.41 9.56
N GLY A 85 18.68 5.10 8.30
CA GLY A 85 17.62 4.82 7.35
C GLY A 85 17.31 5.96 6.41
N ASN A 86 17.04 5.64 5.15
CA ASN A 86 16.70 6.66 4.15
C ASN A 86 15.37 6.32 3.49
N GLY A 87 15.19 6.79 2.26
CA GLY A 87 13.96 6.48 1.50
C GLY A 87 13.25 7.71 1.02
N SER A 88 12.98 7.73 -0.29
CA SER A 88 12.18 8.77 -0.93
C SER A 88 12.74 10.18 -0.70
N PHE A 89 12.49 10.73 0.48
CA PHE A 89 12.85 12.12 0.74
C PHE A 89 14.37 12.32 0.74
N GLY A 90 15.10 11.38 1.32
CA GLY A 90 16.54 11.50 1.43
C GLY A 90 17.04 10.67 2.60
N VAL A 91 18.16 11.12 3.16
CA VAL A 91 18.84 10.40 4.23
C VAL A 91 18.53 11.06 5.57
N VAL A 92 18.46 10.24 6.60
CA VAL A 92 18.29 10.69 7.98
C VAL A 92 19.49 10.19 8.76
N TYR A 93 20.32 11.11 9.25
CA TYR A 93 21.55 10.77 9.95
C TYR A 93 21.38 10.92 11.46
N GLN A 94 22.27 10.28 12.20
CA GLN A 94 22.44 10.50 13.62
C GLN A 94 23.82 11.08 13.86
N ALA A 95 23.89 12.09 14.73
CA ALA A 95 25.14 12.77 14.99
C ALA A 95 25.21 13.14 16.47
N LYS A 96 26.44 13.25 16.98
CA LYS A 96 26.70 13.62 18.35
C LYS A 96 27.27 15.04 18.38
N LEU A 97 26.61 15.92 19.13
CA LEU A 97 27.13 17.27 19.30
C LEU A 97 28.46 17.25 20.04
N CYS A 98 29.42 18.05 19.56
CA CYS A 98 30.78 17.96 20.08
C CYS A 98 30.86 18.42 21.53
N ASP A 99 30.22 19.55 21.85
CA ASP A 99 30.36 20.14 23.17
C ASP A 99 29.58 19.36 24.23
N SER A 100 28.25 19.36 24.12
CA SER A 100 27.41 18.75 25.14
C SER A 100 27.35 17.23 25.04
N GLY A 101 27.69 16.67 23.89
CA GLY A 101 27.63 15.23 23.71
C GLY A 101 26.25 14.68 23.46
N GLU A 102 25.25 15.53 23.24
CA GLU A 102 23.90 15.06 22.96
C GLU A 102 23.83 14.41 21.59
N LEU A 103 22.92 13.45 21.45
CA LEU A 103 22.62 12.86 20.16
C LEU A 103 21.51 13.65 19.49
N VAL A 104 21.69 13.92 18.20
CA VAL A 104 20.69 14.61 17.38
C VAL A 104 20.48 13.83 16.10
N ALA A 105 19.43 14.20 15.37
CA ALA A 105 19.13 13.65 14.07
C ALA A 105 19.24 14.74 13.01
N ILE A 106 19.70 14.36 11.82
CA ILE A 106 19.83 15.29 10.70
C ILE A 106 19.08 14.69 9.51
N LYS A 107 18.08 15.41 9.02
CA LYS A 107 17.32 15.01 7.84
C LYS A 107 17.85 15.80 6.64
N LYS A 108 18.36 15.07 5.64
CA LYS A 108 19.00 15.68 4.47
C LYS A 108 18.14 15.38 3.25
N VAL A 109 17.53 16.43 2.68
CA VAL A 109 16.67 16.30 1.51
C VAL A 109 17.15 17.28 0.44
N LEU A 110 16.65 17.09 -0.78
CA LEU A 110 16.96 17.99 -1.88
C LEU A 110 16.16 19.28 -1.73
N GLN A 111 16.84 20.41 -1.93
CA GLN A 111 16.22 21.72 -1.83
C GLN A 111 15.82 22.20 -3.22
N ASP A 112 14.52 22.28 -3.46
CA ASP A 112 14.02 22.88 -4.70
C ASP A 112 14.35 24.36 -4.71
N LYS A 113 15.11 24.80 -5.72
CA LYS A 113 15.52 26.19 -5.79
C LYS A 113 14.37 27.13 -6.12
N ARG A 114 13.23 26.61 -6.57
CA ARG A 114 12.05 27.43 -6.82
C ARG A 114 11.39 27.98 -5.56
N PHE A 115 10.75 27.10 -4.79
CA PHE A 115 10.04 27.47 -3.58
C PHE A 115 10.87 26.97 -2.40
N LYS A 116 10.65 27.61 -1.25
CA LYS A 116 11.28 27.12 -0.02
C LYS A 116 10.57 25.86 0.44
N ASN A 117 11.30 25.03 1.19
CA ASN A 117 10.78 23.73 1.59
C ASN A 117 9.60 23.89 2.54
N ARG A 118 8.49 23.22 2.23
CA ARG A 118 7.27 23.36 3.03
C ARG A 118 7.44 22.78 4.43
N GLU A 119 8.21 21.70 4.55
CA GLU A 119 8.44 21.11 5.87
C GLU A 119 9.19 22.08 6.78
N LEU A 120 10.14 22.84 6.22
CA LEU A 120 10.88 23.80 7.02
C LEU A 120 9.99 24.92 7.54
N GLN A 121 9.09 25.43 6.69
CA GLN A 121 8.19 26.49 7.12
C GLN A 121 7.24 26.01 8.21
N ILE A 122 6.92 24.71 8.22
CA ILE A 122 6.04 24.18 9.25
C ILE A 122 6.81 23.90 10.54
N MET A 123 8.00 23.28 10.42
CA MET A 123 8.79 22.96 11.60
C MET A 123 9.12 24.20 12.42
N ARG A 124 9.33 25.35 11.76
CA ARG A 124 9.67 26.57 12.47
C ARG A 124 8.49 27.17 13.21
N LYS A 125 7.26 26.84 12.81
CA LYS A 125 6.06 27.34 13.49
C LYS A 125 5.66 26.50 14.70
N LEU A 126 6.33 25.38 14.94
CA LEU A 126 5.89 24.40 15.91
C LEU A 126 6.80 24.37 17.13
N ASP A 127 6.17 24.31 18.31
CA ASP A 127 6.90 24.15 19.56
C ASP A 127 5.98 23.39 20.52
N HIS A 128 6.25 22.09 20.70
CA HIS A 128 5.39 21.24 21.50
C HIS A 128 6.22 20.09 22.06
N CYS A 129 5.91 19.69 23.30
CA CYS A 129 6.69 18.67 23.98
C CYS A 129 6.53 17.29 23.35
N ASN A 130 5.42 17.05 22.65
CA ASN A 130 5.18 15.77 21.98
C ASN A 130 5.43 15.85 20.48
N ILE A 131 6.20 16.83 20.02
CA ILE A 131 6.62 16.95 18.64
C ILE A 131 8.13 17.12 18.62
N VAL A 132 8.80 16.42 17.70
CA VAL A 132 10.24 16.51 17.61
C VAL A 132 10.65 17.93 17.26
N ARG A 133 11.56 18.49 18.04
CA ARG A 133 11.94 19.90 17.92
C ARG A 133 12.98 20.09 16.82
N LEU A 134 12.79 21.15 16.03
CA LEU A 134 13.78 21.56 15.03
C LEU A 134 14.79 22.47 15.73
N ARG A 135 15.97 21.91 16.03
CA ARG A 135 17.00 22.68 16.74
C ARG A 135 17.64 23.71 15.81
N TYR A 136 18.22 23.25 14.71
CA TYR A 136 18.83 24.13 13.73
C TYR A 136 18.48 23.63 12.34
N PHE A 137 18.87 24.43 11.34
CA PHE A 137 18.78 23.99 9.94
C PHE A 137 19.79 24.78 9.13
N PHE A 138 20.42 24.10 8.17
CA PHE A 138 21.44 24.72 7.34
C PHE A 138 21.38 24.11 5.95
N TYR A 139 22.02 24.78 5.00
CA TYR A 139 22.11 24.31 3.63
C TYR A 139 23.53 23.84 3.33
N SER A 140 23.64 22.87 2.42
CA SER A 140 24.92 22.31 2.05
C SER A 140 24.76 21.59 0.71
N SER A 141 25.82 20.93 0.27
CA SER A 141 25.80 20.21 -1.00
C SER A 141 26.36 18.80 -0.84
N GLY A 142 27.29 18.44 -1.72
CA GLY A 142 27.85 17.10 -1.73
C GLY A 142 28.47 16.79 -3.08
N GLU A 143 29.77 17.09 -3.22
CA GLU A 143 30.50 17.05 -4.51
C GLU A 143 29.85 18.07 -5.45
N LYS A 144 29.95 17.82 -6.76
CA LYS A 144 29.46 18.76 -7.77
C LYS A 144 27.95 18.86 -7.67
N LYS A 145 27.23 18.10 -8.50
CA LYS A 145 25.77 18.06 -8.51
C LYS A 145 25.20 19.39 -8.98
N ASP A 146 25.68 20.50 -8.40
CA ASP A 146 25.10 21.83 -8.56
C ASP A 146 23.70 21.87 -7.93
N GLU A 147 23.43 20.99 -6.98
CA GLU A 147 22.15 20.92 -6.30
C GLU A 147 22.36 21.17 -4.80
N VAL A 148 21.38 21.81 -4.19
CA VAL A 148 21.45 22.22 -2.80
C VAL A 148 20.69 21.22 -1.93
N TYR A 149 21.26 20.87 -0.79
CA TYR A 149 20.63 19.99 0.18
C TYR A 149 20.23 20.78 1.41
N LEU A 150 19.03 20.51 1.92
CA LEU A 150 18.53 21.12 3.14
C LEU A 150 18.68 20.13 4.29
N ASN A 151 19.36 20.56 5.36
CA ASN A 151 19.62 19.72 6.52
C ASN A 151 18.82 20.23 7.71
N LEU A 152 18.03 19.35 8.31
CA LEU A 152 17.19 19.67 9.46
C LEU A 152 17.75 18.95 10.69
N VAL A 153 18.31 19.71 11.62
CA VAL A 153 18.85 19.16 12.87
C VAL A 153 17.73 19.08 13.88
N LEU A 154 17.30 17.86 14.20
CA LEU A 154 16.17 17.63 15.10
C LEU A 154 16.61 16.82 16.30
N ASP A 155 15.68 16.67 17.25
CA ASP A 155 15.93 15.83 18.42
C ASP A 155 16.17 14.39 18.00
N TYR A 156 16.91 13.66 18.82
CA TYR A 156 17.08 12.22 18.65
C TYR A 156 16.29 11.50 19.73
N VAL A 157 15.46 10.55 19.31
CA VAL A 157 14.68 9.72 20.23
C VAL A 157 14.98 8.27 19.89
N PRO A 158 15.35 7.43 20.86
CA PRO A 158 16.01 6.16 20.52
C PRO A 158 15.09 5.08 19.97
N GLU A 159 13.77 5.22 20.05
CA GLU A 159 12.88 4.15 19.63
C GLU A 159 11.68 4.72 18.89
N THR A 160 11.00 3.83 18.14
CA THR A 160 9.78 4.15 17.44
C THR A 160 8.68 3.20 17.89
N VAL A 161 7.43 3.66 17.77
CA VAL A 161 6.29 2.79 18.11
C VAL A 161 6.29 1.55 17.23
N TYR A 162 6.70 1.69 15.97
CA TYR A 162 6.74 0.54 15.07
C TYR A 162 7.66 -0.55 15.60
N ARG A 163 8.86 -0.17 16.07
CA ARG A 163 9.80 -1.17 16.55
C ARG A 163 9.33 -1.78 17.87
N VAL A 164 8.80 -0.96 18.78
CA VAL A 164 8.36 -1.46 20.07
C VAL A 164 7.19 -2.42 19.89
N ALA A 165 6.23 -2.06 19.04
CA ALA A 165 5.10 -2.95 18.78
C ALA A 165 5.54 -4.22 18.08
N ARG A 166 6.61 -4.15 17.28
CA ARG A 166 7.11 -5.34 16.59
C ARG A 166 7.85 -6.28 17.53
N HIS A 167 8.55 -5.73 18.54
CA HIS A 167 9.19 -6.59 19.52
C HIS A 167 8.17 -7.41 20.30
N TYR A 168 7.04 -6.79 20.66
CA TYR A 168 5.99 -7.51 21.38
C TYR A 168 5.25 -8.46 20.46
N SER A 169 5.06 -8.07 19.19
CA SER A 169 4.32 -8.93 18.26
C SER A 169 5.11 -10.19 17.94
N ARG A 170 6.42 -10.08 17.78
CA ARG A 170 7.23 -11.25 17.44
C ARG A 170 7.27 -12.26 18.58
N ALA A 171 7.09 -11.80 19.82
CA ALA A 171 7.12 -12.67 20.99
C ALA A 171 5.72 -13.03 21.48
N LYS A 172 4.71 -12.88 20.63
CA LYS A 172 3.33 -13.31 20.91
C LYS A 172 2.80 -12.69 22.19
N GLN A 173 2.67 -11.37 22.15
CA GLN A 173 2.21 -10.60 23.31
C GLN A 173 1.88 -9.19 22.87
N THR A 174 1.23 -8.45 23.77
CA THR A 174 0.82 -7.08 23.51
C THR A 174 1.48 -6.14 24.50
N LEU A 175 1.58 -4.88 24.10
CA LEU A 175 2.15 -3.85 24.96
C LEU A 175 1.26 -3.64 26.19
N PRO A 176 1.84 -3.43 27.37
CA PRO A 176 1.04 -3.11 28.55
C PRO A 176 0.14 -1.91 28.30
N VAL A 177 -1.10 -2.01 28.78
CA VAL A 177 -2.12 -1.01 28.47
C VAL A 177 -1.72 0.36 29.01
N ILE A 178 -0.96 0.41 30.10
CA ILE A 178 -0.54 1.69 30.66
C ILE A 178 0.34 2.44 29.66
N TYR A 179 1.19 1.71 28.93
CA TYR A 179 2.01 2.35 27.90
C TYR A 179 1.15 2.75 26.71
N VAL A 180 0.14 1.95 26.37
CA VAL A 180 -0.76 2.31 25.28
C VAL A 180 -1.52 3.59 25.62
N LYS A 181 -1.92 3.73 26.88
CA LYS A 181 -2.56 4.98 27.31
C LYS A 181 -1.60 6.15 27.18
N LEU A 182 -0.33 5.95 27.59
CA LEU A 182 0.64 7.05 27.58
C LEU A 182 1.02 7.43 26.16
N TYR A 183 1.20 6.44 25.28
CA TYR A 183 1.67 6.74 23.93
C TYR A 183 0.58 7.41 23.10
N MET A 184 -0.66 6.96 23.23
CA MET A 184 -1.73 7.53 22.42
C MET A 184 -2.17 8.89 22.94
N TYR A 185 -2.11 9.11 24.25
CA TYR A 185 -2.46 10.42 24.80
C TYR A 185 -1.52 11.49 24.29
N GLN A 186 -0.21 11.21 24.30
CA GLN A 186 0.77 12.17 23.81
C GLN A 186 0.62 12.40 22.30
N LEU A 187 0.23 11.38 21.55
CA LEU A 187 0.00 11.57 20.13
C LEU A 187 -1.23 12.45 19.89
N PHE A 188 -2.32 12.19 20.60
CA PHE A 188 -3.51 13.03 20.46
C PHE A 188 -3.24 14.45 20.92
N ARG A 189 -2.33 14.63 21.89
CA ARG A 189 -1.95 15.98 22.28
C ARG A 189 -1.20 16.69 21.15
N SER A 190 -0.33 15.97 20.44
CA SER A 190 0.39 16.57 19.33
C SER A 190 -0.55 16.86 18.15
N LEU A 191 -1.56 16.02 17.94
CA LEU A 191 -2.51 16.27 16.86
C LEU A 191 -3.37 17.49 17.16
N ALA A 192 -3.81 17.65 18.41
CA ALA A 192 -4.59 18.82 18.78
C ALA A 192 -3.80 20.11 18.62
N TYR A 193 -2.47 20.03 18.74
CA TYR A 193 -1.63 21.21 18.61
C TYR A 193 -1.50 21.67 17.16
N ILE A 194 -1.10 20.76 16.27
CA ILE A 194 -0.91 21.13 14.87
C ILE A 194 -2.24 21.45 14.21
N HIS A 195 -3.33 20.80 14.65
CA HIS A 195 -4.64 21.11 14.08
C HIS A 195 -5.11 22.51 14.49
N SER A 196 -4.66 23.00 15.65
CA SER A 196 -5.00 24.36 16.05
C SER A 196 -4.45 25.38 15.07
N PHE A 197 -3.33 25.07 14.42
CA PHE A 197 -2.79 25.90 13.35
C PHE A 197 -3.38 25.56 11.99
N GLY A 198 -4.29 24.58 11.93
CA GLY A 198 -4.83 24.13 10.66
C GLY A 198 -3.95 23.15 9.91
N ILE A 199 -2.86 22.69 10.51
CA ILE A 199 -1.91 21.82 9.84
C ILE A 199 -2.30 20.37 10.07
N CYS A 200 -2.41 19.61 8.98
CA CYS A 200 -2.70 18.18 9.02
C CYS A 200 -1.43 17.41 8.70
N HIS A 201 -1.11 16.42 9.53
CA HIS A 201 0.13 15.67 9.36
C HIS A 201 0.11 14.84 8.08
N ARG A 202 -1.03 14.18 7.81
CA ARG A 202 -1.30 13.42 6.60
C ARG A 202 -0.45 12.16 6.45
N ASP A 203 0.25 11.74 7.49
CA ASP A 203 1.01 10.49 7.42
C ASP A 203 1.28 9.94 8.82
N ILE A 204 0.23 9.75 9.61
CA ILE A 204 0.37 9.20 10.95
C ILE A 204 0.52 7.69 10.84
N LYS A 205 1.64 7.17 11.32
CA LYS A 205 1.93 5.74 11.31
C LYS A 205 2.93 5.44 12.42
N PRO A 206 3.00 4.20 12.89
CA PRO A 206 3.91 3.89 14.00
C PRO A 206 5.38 4.17 13.69
N GLN A 207 5.77 4.18 12.42
CA GLN A 207 7.16 4.53 12.10
C GLN A 207 7.46 5.99 12.40
N ASN A 208 6.46 6.85 12.39
CA ASN A 208 6.63 8.28 12.60
C ASN A 208 6.38 8.68 14.05
N LEU A 209 6.26 7.73 14.97
CA LEU A 209 6.02 8.02 16.38
C LEU A 209 7.25 7.57 17.18
N LEU A 210 8.11 8.53 17.51
CA LEU A 210 9.34 8.22 18.21
C LEU A 210 9.07 8.03 19.70
N LEU A 211 9.98 7.29 20.35
CA LEU A 211 9.74 6.80 21.69
C LEU A 211 11.01 6.80 22.52
N ASP A 212 10.93 7.37 23.72
CA ASP A 212 11.95 7.16 24.73
C ASP A 212 11.45 6.09 25.68
N PRO A 213 12.06 4.90 25.71
CA PRO A 213 11.50 3.83 26.56
C PRO A 213 11.58 4.14 28.05
N ASP A 214 12.59 4.87 28.49
CA ASP A 214 12.76 5.12 29.92
C ASP A 214 11.71 6.12 30.43
N THR A 215 11.53 7.22 29.72
CA THR A 215 10.63 8.30 30.16
C THR A 215 9.23 8.19 29.58
N ALA A 216 8.98 7.21 28.70
CA ALA A 216 7.69 7.02 28.06
C ALA A 216 7.23 8.24 27.25
N VAL A 217 8.17 9.09 26.85
CA VAL A 217 7.85 10.28 26.08
C VAL A 217 7.68 9.89 24.62
N LEU A 218 6.62 10.38 23.99
CA LEU A 218 6.37 10.17 22.58
C LEU A 218 6.49 11.51 21.84
N LYS A 219 7.12 11.49 20.68
CA LYS A 219 7.32 12.69 19.88
C LYS A 219 6.97 12.38 18.43
N LEU A 220 6.03 13.13 17.88
CA LEU A 220 5.66 12.97 16.47
C LEU A 220 6.75 13.54 15.58
N CYS A 221 7.04 12.86 14.48
CA CYS A 221 8.10 13.26 13.57
C CYS A 221 7.62 13.09 12.13
N ASP A 222 8.52 13.44 11.19
CA ASP A 222 8.25 13.37 9.75
C ASP A 222 7.07 14.23 9.35
N PHE A 223 7.34 15.49 8.95
CA PHE A 223 6.31 16.39 8.46
C PHE A 223 6.44 16.63 6.96
N GLY A 224 7.10 15.74 6.24
CA GLY A 224 7.26 15.88 4.81
C GLY A 224 5.98 15.75 4.01
N SER A 225 4.88 15.36 4.66
CA SER A 225 3.57 15.29 4.02
C SER A 225 2.57 16.27 4.61
N ALA A 226 2.96 17.02 5.64
CA ALA A 226 2.04 17.94 6.31
C ALA A 226 1.74 19.15 5.42
N LYS A 227 0.55 19.72 5.61
CA LYS A 227 0.12 20.85 4.82
C LYS A 227 -1.06 21.52 5.52
N GLN A 228 -1.11 22.84 5.47
CA GLN A 228 -2.25 23.58 6.00
C GLN A 228 -3.46 23.37 5.09
N LEU A 229 -4.54 22.85 5.66
CA LEU A 229 -5.76 22.55 4.92
C LEU A 229 -6.72 23.73 5.05
N VAL A 230 -6.91 24.47 3.96
CA VAL A 230 -7.85 25.58 3.90
C VAL A 230 -9.14 25.08 3.26
N ARG A 231 -10.27 25.44 3.85
CA ARG A 231 -11.56 25.02 3.31
C ARG A 231 -11.75 25.59 1.91
N GLY A 232 -12.30 24.76 1.01
CA GLY A 232 -12.47 25.13 -0.36
C GLY A 232 -11.29 24.81 -1.26
N GLU A 233 -10.10 24.60 -0.68
CA GLU A 233 -8.95 24.23 -1.49
C GLU A 233 -8.82 22.72 -1.59
N PRO A 234 -8.50 22.20 -2.77
CA PRO A 234 -8.34 20.75 -2.92
C PRO A 234 -6.94 20.29 -2.52
N ASN A 235 -6.87 19.02 -2.12
CA ASN A 235 -5.60 18.43 -1.69
C ASN A 235 -5.48 17.04 -2.28
N VAL A 236 -4.24 16.60 -2.48
CA VAL A 236 -3.97 15.31 -3.12
C VAL A 236 -4.49 14.18 -2.24
N SER A 237 -4.96 13.12 -2.88
CA SER A 237 -5.57 11.99 -2.20
C SER A 237 -4.62 10.80 -2.04
N TYR A 238 -3.39 10.90 -2.53
CA TYR A 238 -2.44 9.79 -2.48
C TYR A 238 -1.43 9.96 -1.36
N ILE A 239 -1.71 10.80 -0.36
CA ILE A 239 -0.86 10.91 0.81
C ILE A 239 -1.25 9.81 1.79
N CYS A 240 -0.53 9.73 2.92
CA CYS A 240 -0.79 8.75 3.97
C CYS A 240 -0.43 7.33 3.53
N SER A 241 0.09 6.53 4.45
CA SER A 241 0.55 5.19 4.14
C SER A 241 -0.61 4.20 4.18
N ARG A 242 -0.40 3.04 3.57
CA ARG A 242 -1.36 1.95 3.62
C ARG A 242 -1.64 1.56 5.07
N TYR A 243 -2.75 0.86 5.26
CA TYR A 243 -3.25 0.43 6.57
C TYR A 243 -3.89 1.59 7.35
N TYR A 244 -3.33 2.80 7.21
CA TYR A 244 -3.74 3.93 8.03
C TYR A 244 -4.46 5.02 7.23
N ARG A 245 -4.84 4.74 6.00
CA ARG A 245 -5.55 5.72 5.18
C ARG A 245 -7.02 5.77 5.55
N ALA A 246 -7.54 6.98 5.77
CA ALA A 246 -8.96 7.15 6.04
C ALA A 246 -9.78 6.72 4.82
N PRO A 247 -11.01 6.25 5.02
CA PRO A 247 -11.80 5.77 3.87
C PRO A 247 -12.02 6.82 2.80
N GLU A 248 -12.14 8.10 3.19
CA GLU A 248 -12.28 9.15 2.19
C GLU A 248 -11.02 9.29 1.34
N LEU A 249 -9.86 8.92 1.89
CA LEU A 249 -8.64 8.93 1.10
C LEU A 249 -8.63 7.77 0.10
N ILE A 250 -9.07 6.59 0.53
CA ILE A 250 -9.17 5.45 -0.38
C ILE A 250 -10.16 5.76 -1.49
N PHE A 251 -11.24 6.48 -1.16
CA PHE A 251 -12.24 6.88 -2.13
C PHE A 251 -11.80 8.03 -3.01
N GLY A 252 -10.54 8.48 -2.89
CA GLY A 252 -10.01 9.49 -3.77
C GLY A 252 -10.54 10.89 -3.55
N ALA A 253 -11.05 11.19 -2.37
CA ALA A 253 -11.59 12.52 -2.10
C ALA A 253 -10.46 13.55 -2.02
N THR A 254 -10.81 14.80 -2.33
CA THR A 254 -9.87 15.90 -2.25
C THR A 254 -10.29 17.01 -1.29
N ASP A 255 -11.49 16.94 -0.73
CA ASP A 255 -11.99 17.93 0.22
C ASP A 255 -11.93 17.43 1.66
N TYR A 256 -10.95 16.59 1.97
CA TYR A 256 -10.84 16.01 3.30
C TYR A 256 -10.30 17.04 4.30
N THR A 257 -10.63 16.84 5.57
CA THR A 257 -10.23 17.72 6.65
C THR A 257 -9.16 17.04 7.50
N SER A 258 -8.80 17.68 8.62
CA SER A 258 -7.79 17.13 9.51
C SER A 258 -8.25 15.87 10.22
N SER A 259 -9.51 15.45 10.04
CA SER A 259 -9.99 14.24 10.69
C SER A 259 -9.36 12.97 10.12
N ILE A 260 -8.61 13.07 9.03
CA ILE A 260 -7.90 11.90 8.53
C ILE A 260 -6.78 11.50 9.49
N ASP A 261 -6.19 12.48 10.17
CA ASP A 261 -5.19 12.17 11.20
C ASP A 261 -5.82 11.42 12.36
N VAL A 262 -7.07 11.73 12.69
CA VAL A 262 -7.74 11.04 13.80
C VAL A 262 -8.03 9.60 13.43
N TRP A 263 -8.39 9.34 12.17
CA TRP A 263 -8.58 7.96 11.72
C TRP A 263 -7.27 7.18 11.80
N SER A 264 -6.19 7.77 11.28
CA SER A 264 -4.90 7.10 11.31
C SER A 264 -4.45 6.83 12.75
N ALA A 265 -4.66 7.80 13.65
CA ALA A 265 -4.36 7.58 15.05
C ALA A 265 -5.22 6.47 15.64
N GLY A 266 -6.48 6.37 15.20
CA GLY A 266 -7.32 5.27 15.62
C GLY A 266 -6.82 3.93 15.14
N CYS A 267 -6.23 3.89 13.94
CA CYS A 267 -5.63 2.65 13.45
C CYS A 267 -4.41 2.26 14.25
N VAL A 268 -3.68 3.24 14.79
CA VAL A 268 -2.52 2.93 15.62
C VAL A 268 -2.96 2.36 16.96
N LEU A 269 -4.00 2.94 17.57
CA LEU A 269 -4.48 2.43 18.85
C LEU A 269 -4.99 1.00 18.73
N ALA A 270 -5.77 0.72 17.69
CA ALA A 270 -6.28 -0.63 17.49
C ALA A 270 -5.14 -1.61 17.19
N GLU A 271 -4.13 -1.16 16.46
CA GLU A 271 -3.00 -2.04 16.16
C GLU A 271 -2.22 -2.40 17.42
N LEU A 272 -2.08 -1.45 18.35
CA LEU A 272 -1.41 -1.75 19.60
C LEU A 272 -2.24 -2.70 20.47
N LEU A 273 -3.57 -2.66 20.34
CA LEU A 273 -4.41 -3.57 21.10
C LEU A 273 -4.46 -4.95 20.45
N LEU A 274 -4.51 -5.01 19.12
CA LEU A 274 -4.65 -6.29 18.44
C LEU A 274 -3.31 -7.00 18.26
N GLY A 275 -2.21 -6.26 18.23
CA GLY A 275 -0.93 -6.82 17.88
C GLY A 275 -0.65 -6.92 16.40
N GLN A 276 -1.59 -6.47 15.56
CA GLN A 276 -1.42 -6.47 14.12
C GLN A 276 -2.32 -5.39 13.55
N PRO A 277 -2.02 -4.88 12.35
CA PRO A 277 -2.86 -3.84 11.76
C PRO A 277 -4.31 -4.30 11.63
N ILE A 278 -5.23 -3.38 11.97
CA ILE A 278 -6.64 -3.74 11.98
C ILE A 278 -7.23 -3.76 10.57
N PHE A 279 -6.74 -2.90 9.67
CA PHE A 279 -7.23 -2.82 8.30
C PHE A 279 -6.09 -3.03 7.31
N PRO A 280 -5.59 -4.25 7.17
CA PRO A 280 -4.51 -4.52 6.24
C PRO A 280 -5.05 -4.72 4.82
N GLY A 281 -4.14 -4.88 3.88
CA GLY A 281 -4.51 -5.08 2.49
C GLY A 281 -3.52 -4.46 1.52
N ASP A 282 -3.28 -5.15 0.41
CA ASP A 282 -2.35 -4.65 -0.59
C ASP A 282 -2.97 -3.68 -1.58
N SER A 283 -4.30 -3.61 -1.64
CA SER A 283 -5.01 -2.71 -2.51
C SER A 283 -6.08 -1.97 -1.72
N GLY A 284 -6.61 -0.91 -2.32
CA GLY A 284 -7.69 -0.18 -1.68
C GLY A 284 -8.94 -1.04 -1.49
N VAL A 285 -9.18 -1.97 -2.40
CA VAL A 285 -10.33 -2.86 -2.28
C VAL A 285 -10.18 -3.76 -1.06
N ASP A 286 -8.97 -4.30 -0.86
CA ASP A 286 -8.74 -5.17 0.29
C ASP A 286 -8.87 -4.40 1.60
N GLN A 287 -8.39 -3.15 1.63
CA GLN A 287 -8.51 -2.34 2.83
C GLN A 287 -9.97 -2.05 3.15
N LEU A 288 -10.77 -1.70 2.13
CA LEU A 288 -12.18 -1.42 2.35
C LEU A 288 -12.90 -2.64 2.91
N VAL A 289 -12.61 -3.82 2.36
CA VAL A 289 -13.26 -5.05 2.82
C VAL A 289 -13.03 -5.25 4.32
N GLU A 290 -11.79 -5.03 4.79
CA GLU A 290 -11.52 -5.15 6.21
C GLU A 290 -12.23 -4.08 7.02
N ILE A 291 -12.50 -2.92 6.43
CA ILE A 291 -13.25 -1.88 7.12
C ILE A 291 -14.73 -2.24 7.18
N ILE A 292 -15.28 -2.79 6.09
CA ILE A 292 -16.66 -3.25 6.11
C ILE A 292 -16.83 -4.37 7.13
N LYS A 293 -15.81 -5.22 7.27
CA LYS A 293 -15.90 -6.35 8.19
C LYS A 293 -16.12 -5.89 9.62
N VAL A 294 -15.57 -4.73 9.99
CA VAL A 294 -15.67 -4.23 11.37
C VAL A 294 -16.78 -3.20 11.47
N LEU A 295 -16.70 -2.15 10.65
CA LEU A 295 -17.61 -1.03 10.75
C LEU A 295 -19.00 -1.33 10.18
N GLY A 296 -19.11 -2.34 9.32
CA GLY A 296 -20.35 -2.60 8.62
C GLY A 296 -20.42 -1.87 7.29
N THR A 297 -21.48 -2.16 6.55
CA THR A 297 -21.67 -1.53 5.24
C THR A 297 -21.98 -0.05 5.43
N PRO A 298 -21.27 0.85 4.73
CA PRO A 298 -21.55 2.28 4.90
C PRO A 298 -22.85 2.65 4.22
N THR A 299 -23.74 3.27 4.98
CA THR A 299 -25.01 3.72 4.43
C THR A 299 -24.77 4.79 3.37
N ARG A 300 -25.75 4.96 2.48
CA ARG A 300 -25.60 5.87 1.36
C ARG A 300 -25.28 7.29 1.81
N GLU A 301 -25.82 7.70 2.97
CA GLU A 301 -25.50 9.01 3.51
C GLU A 301 -24.08 9.06 4.06
N GLN A 302 -23.57 7.93 4.57
CA GLN A 302 -22.18 7.89 5.02
C GLN A 302 -21.21 7.96 3.85
N ILE A 303 -21.58 7.35 2.72
CA ILE A 303 -20.74 7.44 1.52
C ILE A 303 -20.71 8.88 1.01
N ARG A 304 -21.80 9.61 1.18
CA ARG A 304 -21.84 11.00 0.71
C ARG A 304 -20.91 11.89 1.54
N GLU A 305 -20.79 11.63 2.84
CA GLU A 305 -19.93 12.44 3.68
C GLU A 305 -18.45 12.19 3.41
N MET A 306 -18.11 10.97 2.98
CA MET A 306 -16.72 10.62 2.70
C MET A 306 -16.28 11.18 1.36
N ASN A 307 -16.61 10.49 0.28
CA ASN A 307 -16.36 11.01 -1.07
C ASN A 307 -17.70 11.36 -1.70
N PRO A 308 -18.06 12.65 -1.77
CA PRO A 308 -19.33 13.02 -2.42
C PRO A 308 -19.37 12.69 -3.90
N ASN A 309 -18.23 12.39 -4.52
CA ASN A 309 -18.22 12.04 -5.94
C ASN A 309 -18.95 10.74 -6.20
N TYR A 310 -19.03 9.86 -5.20
CA TYR A 310 -19.63 8.54 -5.36
C TYR A 310 -18.83 7.88 -6.48
N THR A 311 -17.84 7.08 -6.13
CA THR A 311 -16.92 6.48 -7.10
C THR A 311 -17.59 5.34 -7.90
N GLU A 312 -18.88 5.09 -7.67
CA GLU A 312 -19.67 4.12 -8.44
C GLU A 312 -19.17 2.69 -8.23
N PHE A 313 -19.30 2.22 -6.99
CA PHE A 313 -18.99 0.85 -6.62
C PHE A 313 -20.06 0.36 -5.66
N LYS A 314 -20.32 -0.95 -5.72
CA LYS A 314 -21.28 -1.61 -4.86
C LYS A 314 -20.55 -2.65 -4.03
N PHE A 315 -20.68 -2.55 -2.72
CA PHE A 315 -19.99 -3.43 -1.76
C PHE A 315 -20.92 -4.52 -1.29
N PRO A 316 -20.37 -5.66 -0.85
CA PRO A 316 -21.21 -6.69 -0.23
C PRO A 316 -21.77 -6.21 1.10
N GLN A 317 -23.00 -6.63 1.39
CA GLN A 317 -23.73 -6.15 2.56
C GLN A 317 -23.38 -7.03 3.76
N ILE A 318 -22.63 -6.47 4.70
CA ILE A 318 -22.21 -7.17 5.91
C ILE A 318 -22.62 -6.33 7.11
N LYS A 319 -23.17 -6.99 8.13
CA LYS A 319 -23.62 -6.29 9.32
C LYS A 319 -22.42 -5.79 10.13
N ALA A 320 -22.71 -5.08 11.22
CA ALA A 320 -21.68 -4.45 12.03
C ALA A 320 -21.07 -5.45 13.00
N HIS A 321 -19.76 -5.68 12.86
CA HIS A 321 -19.02 -6.50 13.80
C HIS A 321 -19.06 -5.84 15.18
N PRO A 322 -19.66 -6.50 16.19
CA PRO A 322 -19.61 -5.92 17.54
C PRO A 322 -18.17 -5.77 18.02
N TRP A 323 -17.73 -4.52 18.14
CA TRP A 323 -16.34 -4.16 18.41
C TRP A 323 -15.70 -5.01 19.51
N THR A 324 -16.51 -5.47 20.47
CA THR A 324 -15.98 -6.30 21.55
C THR A 324 -15.45 -7.63 21.04
N LYS A 325 -16.01 -8.14 19.93
CA LYS A 325 -15.54 -9.38 19.34
C LYS A 325 -14.24 -9.21 18.56
N VAL A 326 -13.84 -7.97 18.28
CA VAL A 326 -12.64 -7.72 17.48
C VAL A 326 -11.38 -7.95 18.31
N PHE A 327 -11.40 -7.56 19.58
CA PHE A 327 -10.21 -7.54 20.41
C PHE A 327 -10.14 -8.76 21.34
N ARG A 328 -9.06 -8.83 22.11
CA ARG A 328 -8.83 -9.91 23.05
C ARG A 328 -9.92 -9.91 24.13
N PRO A 329 -10.04 -11.02 24.89
CA PRO A 329 -11.07 -11.05 25.94
C PRO A 329 -10.91 -9.99 27.00
N ARG A 330 -9.70 -9.79 27.50
CA ARG A 330 -9.45 -8.85 28.60
C ARG A 330 -9.13 -7.44 28.11
N THR A 331 -9.55 -7.09 26.90
CA THR A 331 -9.33 -5.73 26.41
C THR A 331 -10.21 -4.76 27.18
N PRO A 332 -9.65 -3.67 27.72
CA PRO A 332 -10.47 -2.69 28.45
C PRO A 332 -11.58 -2.16 27.57
N PRO A 333 -12.83 -2.21 28.04
CA PRO A 333 -13.94 -1.72 27.21
C PRO A 333 -13.85 -0.25 26.86
N GLU A 334 -13.18 0.55 27.70
CA GLU A 334 -13.01 1.96 27.38
C GLU A 334 -12.12 2.17 26.17
N ALA A 335 -11.13 1.30 25.97
CA ALA A 335 -10.31 1.36 24.76
C ALA A 335 -11.13 0.98 23.54
N ILE A 336 -11.97 -0.05 23.66
CA ILE A 336 -12.85 -0.42 22.56
C ILE A 336 -13.81 0.71 22.23
N ALA A 337 -14.29 1.42 23.27
CA ALA A 337 -15.18 2.56 23.04
C ALA A 337 -14.46 3.67 22.30
N LEU A 338 -13.19 3.91 22.64
CA LEU A 338 -12.43 4.96 21.96
C LEU A 338 -12.19 4.61 20.50
N CYS A 339 -11.86 3.35 20.20
CA CYS A 339 -11.63 2.96 18.81
C CYS A 339 -12.86 3.17 17.96
N SER A 340 -14.04 2.82 18.48
CA SER A 340 -15.27 3.00 17.72
C SER A 340 -15.58 4.47 17.48
N ARG A 341 -15.16 5.35 18.39
CA ARG A 341 -15.39 6.78 18.23
C ARG A 341 -14.34 7.45 17.36
N LEU A 342 -13.21 6.79 17.12
CA LEU A 342 -12.18 7.31 16.22
C LEU A 342 -12.34 6.80 14.80
N LEU A 343 -12.69 5.52 14.65
CA LEU A 343 -12.82 4.89 13.34
C LEU A 343 -14.28 4.91 12.92
N GLU A 344 -14.72 6.09 12.46
CA GLU A 344 -16.07 6.29 11.96
C GLU A 344 -16.00 6.63 10.49
N TYR A 345 -17.00 6.16 9.72
CA TYR A 345 -17.08 6.51 8.31
C TYR A 345 -17.22 8.02 8.12
N THR A 346 -18.21 8.61 8.75
CA THR A 346 -18.45 10.05 8.65
C THR A 346 -17.28 10.81 9.28
N PRO A 347 -16.52 11.59 8.52
CA PRO A 347 -15.35 12.27 9.11
C PRO A 347 -15.71 13.24 10.22
N THR A 348 -16.83 13.96 10.07
CA THR A 348 -17.23 14.91 11.10
C THR A 348 -17.69 14.24 12.39
N ALA A 349 -17.99 12.93 12.34
CA ALA A 349 -18.45 12.23 13.53
C ALA A 349 -17.30 11.76 14.43
N ARG A 350 -16.08 11.72 13.91
CA ARG A 350 -14.94 11.28 14.71
C ARG A 350 -14.61 12.32 15.78
N LEU A 351 -14.09 11.84 16.91
CA LEU A 351 -13.66 12.73 17.97
C LEU A 351 -12.53 13.64 17.49
N THR A 352 -12.53 14.86 17.99
CA THR A 352 -11.38 15.73 17.78
C THR A 352 -10.22 15.24 18.63
N PRO A 353 -8.98 15.57 18.24
CA PRO A 353 -7.83 15.18 19.07
C PRO A 353 -7.96 15.60 20.52
N LEU A 354 -8.44 16.83 20.77
CA LEU A 354 -8.63 17.28 22.14
C LEU A 354 -9.74 16.48 22.84
N GLU A 355 -10.80 16.14 22.10
CA GLU A 355 -11.86 15.32 22.68
C GLU A 355 -11.38 13.90 22.98
N ALA A 356 -10.42 13.41 22.19
CA ALA A 356 -9.88 12.08 22.46
C ALA A 356 -9.07 12.06 23.74
N CYS A 357 -8.31 13.12 24.01
CA CYS A 357 -7.54 13.19 25.24
C CYS A 357 -8.45 13.15 26.47
N ALA A 358 -9.62 13.78 26.38
CA ALA A 358 -10.56 13.82 27.49
C ALA A 358 -11.41 12.56 27.61
N HIS A 359 -11.18 11.57 26.76
CA HIS A 359 -11.93 10.32 26.83
C HIS A 359 -11.62 9.58 28.12
N SER A 360 -12.59 8.78 28.57
CA SER A 360 -12.45 8.06 29.83
C SER A 360 -11.35 7.01 29.78
N PHE A 361 -10.93 6.61 28.58
CA PHE A 361 -9.85 5.63 28.46
C PHE A 361 -8.53 6.16 29.03
N PHE A 362 -8.37 7.48 29.10
CA PHE A 362 -7.17 8.10 29.63
C PHE A 362 -7.34 8.58 31.07
N ASP A 363 -8.40 8.13 31.76
CA ASP A 363 -8.65 8.58 33.13
C ASP A 363 -7.55 8.16 34.08
N GLU A 364 -6.91 7.02 33.82
CA GLU A 364 -5.82 6.57 34.69
C GLU A 364 -4.64 7.53 34.65
N LEU A 365 -4.40 8.19 33.52
CA LEU A 365 -3.31 9.14 33.44
C LEU A 365 -3.57 10.37 34.29
N ARG A 366 -4.84 10.69 34.54
CA ARG A 366 -5.19 11.82 35.38
C ARG A 366 -5.20 11.48 36.87
N ASP A 367 -5.01 10.22 37.23
CA ASP A 367 -4.91 9.84 38.63
C ASP A 367 -3.65 10.45 39.24
N PRO A 368 -3.72 10.99 40.46
CA PRO A 368 -2.54 11.65 41.03
C PRO A 368 -1.41 10.67 41.36
N ASN A 369 -1.73 9.40 41.59
CA ASN A 369 -0.74 8.40 41.99
C ASN A 369 -0.22 7.57 40.82
N VAL A 370 -0.56 7.94 39.58
CA VAL A 370 -0.13 7.15 38.43
C VAL A 370 1.38 7.25 38.29
N LYS A 371 2.02 6.12 37.97
CA LYS A 371 3.45 6.05 37.79
C LYS A 371 3.76 5.06 36.68
N LEU A 372 4.94 5.23 36.08
CA LEU A 372 5.44 4.24 35.15
C LEU A 372 5.75 2.95 35.92
N PRO A 373 5.73 1.80 35.23
CA PRO A 373 6.09 0.55 35.93
C PRO A 373 7.47 0.57 36.56
N ASN A 374 8.43 1.26 35.95
CA ASN A 374 9.78 1.33 36.51
C ASN A 374 9.91 2.32 37.67
N GLY A 375 8.80 2.93 38.11
CA GLY A 375 8.79 3.75 39.29
C GLY A 375 8.79 5.25 39.04
N ARG A 376 9.30 5.70 37.89
CA ARG A 376 9.42 7.13 37.65
C ARG A 376 8.04 7.77 37.41
N ASP A 377 8.02 9.10 37.45
CA ASP A 377 6.81 9.83 37.18
C ASP A 377 6.47 9.79 35.70
N THR A 378 5.18 10.00 35.40
CA THR A 378 4.77 10.13 34.01
C THR A 378 5.32 11.43 33.43
N PRO A 379 5.53 11.49 32.12
CA PRO A 379 5.92 12.75 31.48
C PRO A 379 4.83 13.81 31.64
N ALA A 380 5.17 15.03 31.24
CA ALA A 380 4.23 16.14 31.33
C ALA A 380 3.00 15.86 30.47
N LEU A 381 1.83 15.83 31.10
CA LEU A 381 0.59 15.50 30.42
C LEU A 381 -0.48 16.57 30.51
N PHE A 382 -0.31 17.58 31.37
CA PHE A 382 -1.38 18.54 31.63
C PHE A 382 -0.98 19.99 31.42
N ASN A 383 0.26 20.28 31.01
CA ASN A 383 0.70 21.66 30.80
C ASN A 383 0.18 22.18 29.45
N PHE A 384 -1.14 22.16 29.31
CA PHE A 384 -1.78 22.65 28.09
C PHE A 384 -1.59 24.15 27.96
N THR A 385 -1.49 24.61 26.72
CA THR A 385 -1.45 26.03 26.41
C THR A 385 -2.81 26.49 25.90
N THR A 386 -2.97 27.82 25.81
CA THR A 386 -4.18 28.37 25.24
C THR A 386 -4.31 27.99 23.77
N GLN A 387 -3.18 27.94 23.06
CA GLN A 387 -3.18 27.45 21.69
C GLN A 387 -3.69 26.02 21.61
N GLU A 388 -3.30 25.18 22.57
CA GLU A 388 -3.67 23.77 22.52
C GLU A 388 -5.16 23.58 22.78
N LEU A 389 -5.73 24.36 23.68
CA LEU A 389 -7.13 24.21 24.07
C LEU A 389 -8.08 25.05 23.22
N SER A 390 -7.57 25.74 22.19
CA SER A 390 -8.41 26.68 21.45
C SER A 390 -9.57 25.99 20.75
N SER A 391 -9.42 24.71 20.41
CA SER A 391 -10.49 24.00 19.72
C SER A 391 -11.73 23.84 20.60
N ASN A 392 -11.54 23.78 21.92
CA ASN A 392 -12.63 23.59 22.88
C ASN A 392 -12.12 23.90 24.28
N PRO A 393 -12.01 25.17 24.65
CA PRO A 393 -11.42 25.54 25.96
C PRO A 393 -12.16 24.92 27.13
N PRO A 394 -13.50 24.80 27.10
CA PRO A 394 -14.19 24.13 28.22
C PRO A 394 -13.71 22.72 28.51
N LEU A 395 -12.98 22.08 27.58
CA LEU A 395 -12.47 20.74 27.85
C LEU A 395 -11.35 20.74 28.88
N ALA A 396 -10.81 21.90 29.24
CA ALA A 396 -9.78 21.96 30.29
C ALA A 396 -10.33 21.56 31.65
N THR A 397 -11.65 21.59 31.84
CA THR A 397 -12.22 21.13 33.11
C THR A 397 -11.99 19.64 33.32
N ILE A 398 -11.84 18.88 32.24
CA ILE A 398 -11.52 17.46 32.32
C ILE A 398 -10.03 17.22 32.09
N LEU A 399 -9.43 17.95 31.15
CA LEU A 399 -8.06 17.64 30.74
C LEU A 399 -7.06 17.91 31.86
N ILE A 400 -7.27 18.97 32.63
CA ILE A 400 -6.38 19.33 33.73
C ILE A 400 -7.00 18.82 35.03
N PRO A 401 -6.48 17.75 35.63
CA PRO A 401 -7.08 17.21 36.86
C PRO A 401 -6.86 18.16 38.02
N PRO A 402 -7.67 18.04 39.09
CA PRO A 402 -7.52 18.99 40.21
C PRO A 402 -6.13 19.01 40.82
N HIS A 403 -5.48 17.86 40.96
CA HIS A 403 -4.15 17.83 41.56
C HIS A 403 -3.10 18.54 40.71
N ALA A 404 -3.34 18.66 39.40
CA ALA A 404 -2.43 19.40 38.54
C ALA A 404 -2.52 20.90 38.71
N ARG A 405 -3.47 21.40 39.52
CA ARG A 405 -3.63 22.82 39.76
C ARG A 405 -3.29 23.21 41.19
N ILE A 406 -2.72 22.30 41.99
CA ILE A 406 -2.41 22.60 43.38
C ILE A 406 -1.35 23.67 43.44
N GLN A 407 -1.66 24.77 44.10
CA GLN A 407 -0.75 25.91 44.22
C GLN A 407 0.45 25.57 45.10
N MET B 48 -25.17 -29.99 -0.80
CA MET B 48 -23.99 -30.82 -1.02
C MET B 48 -24.04 -32.04 -0.09
N LYS B 49 -23.65 -33.20 -0.63
CA LYS B 49 -23.80 -34.48 0.04
C LYS B 49 -22.42 -34.99 0.45
N VAL B 50 -22.13 -34.91 1.75
CA VAL B 50 -20.86 -35.39 2.28
C VAL B 50 -20.96 -36.88 2.58
N SER B 51 -19.94 -37.63 2.18
CA SER B 51 -19.90 -39.07 2.43
C SER B 51 -18.44 -39.49 2.52
N ARG B 52 -18.20 -40.80 2.51
CA ARG B 52 -16.86 -41.35 2.55
C ARG B 52 -16.68 -42.32 1.39
N ASP B 53 -15.44 -42.77 1.22
CA ASP B 53 -15.15 -43.86 0.29
C ASP B 53 -15.33 -45.22 0.95
N LYS B 54 -14.26 -46.02 0.99
CA LYS B 54 -14.26 -47.27 1.74
C LYS B 54 -12.89 -47.48 2.39
N ASP B 55 -11.97 -46.53 2.25
CA ASP B 55 -10.68 -46.56 2.93
C ASP B 55 -10.55 -45.45 3.96
N GLY B 56 -11.62 -44.71 4.22
CA GLY B 56 -11.58 -43.59 5.15
C GLY B 56 -10.92 -42.37 4.55
N SER B 57 -11.60 -41.73 3.61
CA SER B 57 -11.03 -40.57 2.91
C SER B 57 -11.96 -39.36 2.86
N LYS B 58 -13.27 -39.54 3.00
CA LYS B 58 -14.26 -38.46 2.96
C LYS B 58 -14.35 -37.85 1.56
N VAL B 59 -15.54 -37.87 0.97
CA VAL B 59 -15.75 -37.44 -0.41
C VAL B 59 -16.99 -36.55 -0.46
N THR B 60 -16.88 -35.45 -1.20
CA THR B 60 -17.97 -34.49 -1.38
C THR B 60 -18.49 -34.57 -2.80
N THR B 61 -19.82 -34.62 -2.95
CA THR B 61 -20.47 -34.67 -4.24
C THR B 61 -21.48 -33.54 -4.35
N VAL B 62 -21.37 -32.74 -5.41
CA VAL B 62 -22.25 -31.60 -5.63
C VAL B 62 -22.78 -31.67 -7.06
N VAL B 63 -23.83 -30.89 -7.31
CA VAL B 63 -24.39 -30.72 -8.65
C VAL B 63 -23.96 -29.34 -9.13
N ALA B 64 -22.96 -29.31 -10.01
CA ALA B 64 -22.34 -28.07 -10.44
C ALA B 64 -22.58 -27.83 -11.93
N THR B 65 -22.67 -26.56 -12.30
CA THR B 65 -22.92 -26.14 -13.67
C THR B 65 -21.61 -25.95 -14.42
N PRO B 66 -21.44 -26.56 -15.60
CA PRO B 66 -20.24 -26.31 -16.40
C PRO B 66 -20.07 -24.82 -16.67
N GLY B 67 -18.83 -24.36 -16.53
CA GLY B 67 -18.52 -22.95 -16.70
C GLY B 67 -18.69 -22.45 -18.13
N GLN B 68 -17.96 -23.07 -19.06
CA GLN B 68 -18.00 -22.67 -20.46
C GLN B 68 -18.92 -23.55 -21.29
N GLY B 69 -20.10 -23.87 -20.75
CA GLY B 69 -21.05 -24.68 -21.47
C GLY B 69 -22.40 -23.99 -21.61
N PRO B 70 -23.42 -24.76 -22.01
CA PRO B 70 -24.78 -24.18 -22.09
C PRO B 70 -25.29 -23.78 -20.72
N ASP B 71 -25.92 -24.74 -20.02
CA ASP B 71 -26.32 -24.59 -18.63
C ASP B 71 -26.90 -25.91 -18.11
N ARG B 72 -26.16 -27.00 -18.27
CA ARG B 72 -26.62 -28.35 -17.93
C ARG B 72 -25.75 -28.89 -16.80
N PRO B 73 -26.18 -28.73 -15.54
CA PRO B 73 -25.34 -29.16 -14.42
C PRO B 73 -25.14 -30.67 -14.41
N GLN B 74 -23.97 -31.07 -13.90
CA GLN B 74 -23.58 -32.47 -13.77
C GLN B 74 -23.41 -32.82 -12.29
N GLU B 75 -23.17 -34.11 -12.03
CA GLU B 75 -22.81 -34.58 -10.70
C GLU B 75 -21.29 -34.69 -10.63
N VAL B 76 -20.67 -33.89 -9.77
CA VAL B 76 -19.22 -33.83 -9.62
C VAL B 76 -18.85 -34.22 -8.21
N SER B 77 -17.82 -35.07 -8.08
CA SER B 77 -17.33 -35.55 -6.80
C SER B 77 -15.84 -35.24 -6.68
N TYR B 78 -15.44 -34.71 -5.54
CA TYR B 78 -14.04 -34.41 -5.29
C TYR B 78 -13.67 -34.83 -3.87
N THR B 79 -12.36 -34.89 -3.61
CA THR B 79 -11.84 -35.29 -2.31
C THR B 79 -10.52 -34.58 -2.08
N ASP B 80 -9.92 -34.84 -0.91
CA ASP B 80 -8.62 -34.28 -0.52
C ASP B 80 -8.66 -32.76 -0.52
N THR B 81 -9.61 -32.21 0.24
CA THR B 81 -9.79 -30.76 0.32
C THR B 81 -8.81 -30.18 1.33
N LYS B 82 -8.06 -29.15 0.90
CA LYS B 82 -7.13 -28.47 1.78
C LYS B 82 -7.07 -26.99 1.41
N VAL B 83 -6.93 -26.15 2.42
CA VAL B 83 -6.86 -24.71 2.21
C VAL B 83 -5.51 -24.37 1.60
N ILE B 84 -5.53 -23.55 0.54
CA ILE B 84 -4.32 -23.07 -0.10
C ILE B 84 -4.26 -21.55 -0.20
N GLY B 85 -5.29 -20.84 0.27
CA GLY B 85 -5.28 -19.39 0.23
C GLY B 85 -6.45 -18.77 0.97
N ASN B 86 -6.27 -17.57 1.50
CA ASN B 86 -7.33 -16.88 2.21
C ASN B 86 -7.08 -15.38 2.16
N GLY B 87 -8.12 -14.62 2.47
CA GLY B 87 -8.02 -13.17 2.50
C GLY B 87 -9.08 -12.46 1.69
N SER B 88 -9.68 -11.42 2.27
CA SER B 88 -10.65 -10.56 1.60
C SER B 88 -11.82 -11.34 1.01
N PHE B 89 -11.68 -11.81 -0.22
CA PHE B 89 -12.78 -12.47 -0.92
C PHE B 89 -13.25 -13.71 -0.18
N GLY B 90 -12.32 -14.50 0.35
CA GLY B 90 -12.68 -15.76 0.97
C GLY B 90 -11.50 -16.71 0.95
N VAL B 91 -11.83 -18.00 0.84
CA VAL B 91 -10.84 -19.07 0.92
C VAL B 91 -10.76 -19.77 -0.43
N VAL B 92 -9.55 -20.18 -0.80
CA VAL B 92 -9.31 -20.98 -2.01
C VAL B 92 -8.83 -22.35 -1.57
N TYR B 93 -9.56 -23.38 -1.97
CA TYR B 93 -9.21 -24.76 -1.64
C TYR B 93 -8.59 -25.47 -2.84
N GLN B 94 -7.98 -26.61 -2.57
CA GLN B 94 -7.51 -27.52 -3.60
C GLN B 94 -8.15 -28.88 -3.37
N ALA B 95 -8.61 -29.51 -4.45
CA ALA B 95 -9.31 -30.77 -4.37
C ALA B 95 -8.89 -31.68 -5.50
N LYS B 96 -9.21 -32.97 -5.36
CA LYS B 96 -8.91 -33.99 -6.35
C LYS B 96 -10.21 -34.56 -6.86
N LEU B 97 -10.46 -34.45 -8.17
CA LEU B 97 -11.67 -34.98 -8.76
C LEU B 97 -11.70 -36.50 -8.61
N CYS B 98 -12.82 -37.01 -8.09
CA CYS B 98 -12.91 -38.44 -7.78
C CYS B 98 -12.78 -39.32 -9.01
N ASP B 99 -12.99 -38.77 -10.21
CA ASP B 99 -12.89 -39.55 -11.43
C ASP B 99 -11.45 -39.54 -11.95
N SER B 100 -11.05 -38.45 -12.58
CA SER B 100 -9.76 -38.38 -13.26
C SER B 100 -8.59 -38.13 -12.31
N GLY B 101 -8.85 -37.96 -11.01
CA GLY B 101 -7.77 -37.64 -10.10
C GLY B 101 -7.12 -36.31 -10.38
N GLU B 102 -7.78 -35.47 -11.20
CA GLU B 102 -7.23 -34.17 -11.57
C GLU B 102 -7.35 -33.20 -10.41
N LEU B 103 -6.28 -32.47 -10.16
CA LEU B 103 -6.29 -31.44 -9.12
C LEU B 103 -7.00 -30.19 -9.65
N VAL B 104 -7.83 -29.60 -8.78
CA VAL B 104 -8.60 -28.41 -9.12
C VAL B 104 -8.58 -27.46 -7.94
N ALA B 105 -8.86 -26.19 -8.24
CA ALA B 105 -8.96 -25.16 -7.23
C ALA B 105 -10.41 -24.71 -7.10
N ILE B 106 -10.86 -24.52 -5.86
CA ILE B 106 -12.23 -24.10 -5.56
C ILE B 106 -12.15 -22.78 -4.82
N LYS B 107 -12.57 -21.70 -5.47
CA LYS B 107 -12.62 -20.38 -4.86
C LYS B 107 -14.01 -20.18 -4.25
N LYS B 108 -14.08 -20.09 -2.93
CA LYS B 108 -15.34 -19.97 -2.21
C LYS B 108 -15.49 -18.53 -1.70
N VAL B 109 -16.49 -17.83 -2.23
CA VAL B 109 -16.80 -16.47 -1.80
C VAL B 109 -18.27 -16.41 -1.40
N LEU B 110 -18.60 -15.37 -0.63
CA LEU B 110 -19.99 -15.15 -0.24
C LEU B 110 -20.75 -14.50 -1.39
N GLN B 111 -22.01 -14.89 -1.55
CA GLN B 111 -22.81 -14.47 -2.69
C GLN B 111 -23.86 -13.45 -2.24
N ASP B 112 -23.80 -12.27 -2.84
CA ASP B 112 -24.83 -11.26 -2.66
C ASP B 112 -26.12 -11.72 -3.36
N LYS B 113 -27.20 -11.79 -2.60
CA LYS B 113 -28.47 -12.22 -3.18
C LYS B 113 -29.06 -11.17 -4.12
N ARG B 114 -28.56 -9.93 -4.06
CA ARG B 114 -29.02 -8.88 -4.96
C ARG B 114 -28.62 -8.98 -6.42
N PHE B 115 -27.33 -8.78 -6.71
CA PHE B 115 -26.83 -8.83 -8.07
C PHE B 115 -26.14 -10.19 -8.21
N LYS B 116 -25.67 -10.47 -9.42
CA LYS B 116 -24.89 -11.67 -9.67
C LYS B 116 -23.41 -11.35 -9.56
N ASN B 117 -22.65 -12.33 -9.06
CA ASN B 117 -21.20 -12.16 -8.88
C ASN B 117 -20.54 -11.80 -10.20
N ARG B 118 -19.88 -10.64 -10.23
CA ARG B 118 -19.30 -10.15 -11.48
C ARG B 118 -18.14 -11.02 -11.95
N GLU B 119 -17.41 -11.64 -11.02
CA GLU B 119 -16.33 -12.54 -11.40
C GLU B 119 -16.84 -13.71 -12.22
N LEU B 120 -17.93 -14.33 -11.76
CA LEU B 120 -18.48 -15.49 -12.46
C LEU B 120 -18.91 -15.12 -13.88
N GLN B 121 -19.62 -13.99 -14.03
CA GLN B 121 -20.11 -13.59 -15.34
C GLN B 121 -18.98 -13.36 -16.33
N ILE B 122 -17.80 -12.99 -15.84
CA ILE B 122 -16.66 -12.80 -16.72
C ILE B 122 -16.00 -14.14 -17.05
N MET B 123 -15.94 -15.05 -16.08
CA MET B 123 -15.24 -16.31 -16.29
C MET B 123 -15.91 -17.17 -17.36
N ARG B 124 -17.24 -17.20 -17.39
CA ARG B 124 -17.94 -18.02 -18.38
C ARG B 124 -17.72 -17.52 -19.80
N LYS B 125 -17.27 -16.28 -19.97
CA LYS B 125 -16.98 -15.74 -21.30
C LYS B 125 -15.56 -16.01 -21.77
N LEU B 126 -14.67 -16.40 -20.86
CA LEU B 126 -13.24 -16.51 -21.17
C LEU B 126 -12.86 -17.94 -21.50
N ASP B 127 -12.02 -18.10 -22.53
CA ASP B 127 -11.49 -19.40 -22.93
C ASP B 127 -10.14 -19.16 -23.61
N HIS B 128 -9.07 -19.23 -22.82
CA HIS B 128 -7.74 -18.93 -23.31
C HIS B 128 -6.74 -19.86 -22.61
N CYS B 129 -5.69 -20.23 -23.35
CA CYS B 129 -4.70 -21.15 -22.81
C CYS B 129 -3.84 -20.51 -21.72
N ASN B 130 -3.79 -19.18 -21.66
CA ASN B 130 -3.02 -18.47 -20.66
C ASN B 130 -3.91 -17.80 -19.61
N ILE B 131 -5.12 -18.30 -19.44
CA ILE B 131 -6.05 -17.85 -18.40
C ILE B 131 -6.59 -19.08 -17.69
N VAL B 132 -6.66 -19.01 -16.36
CA VAL B 132 -7.19 -20.12 -15.60
C VAL B 132 -8.64 -20.39 -16.03
N ARG B 133 -8.97 -21.67 -16.18
CA ARG B 133 -10.26 -22.07 -16.74
C ARG B 133 -11.26 -22.33 -15.62
N LEU B 134 -12.49 -21.89 -15.84
CA LEU B 134 -13.60 -22.15 -14.92
C LEU B 134 -14.23 -23.47 -15.34
N ARG B 135 -13.87 -24.55 -14.63
CA ARG B 135 -14.40 -25.87 -14.96
C ARG B 135 -15.89 -25.97 -14.62
N TYR B 136 -16.23 -25.78 -13.35
CA TYR B 136 -17.61 -25.79 -12.90
C TYR B 136 -17.80 -24.68 -11.88
N PHE B 137 -19.06 -24.43 -11.52
CA PHE B 137 -19.40 -23.56 -10.42
C PHE B 137 -20.68 -24.06 -9.77
N PHE B 138 -20.76 -23.93 -8.45
CA PHE B 138 -21.92 -24.38 -7.70
C PHE B 138 -22.06 -23.52 -6.45
N TYR B 139 -23.26 -23.57 -5.87
CA TYR B 139 -23.56 -22.84 -4.65
C TYR B 139 -23.68 -23.80 -3.47
N SER B 140 -23.32 -23.31 -2.29
CA SER B 140 -23.38 -24.11 -1.08
C SER B 140 -23.54 -23.20 0.13
N SER B 141 -23.83 -23.80 1.26
CA SER B 141 -23.99 -23.08 2.52
C SER B 141 -22.66 -23.10 3.28
N GLY B 142 -22.71 -22.69 4.54
CA GLY B 142 -21.52 -22.60 5.36
C GLY B 142 -21.66 -21.45 6.33
N GLU B 143 -20.51 -21.12 6.95
CA GLU B 143 -20.49 -20.10 8.03
C GLU B 143 -21.63 -20.52 8.95
N LYS B 144 -22.73 -19.72 9.01
CA LYS B 144 -23.90 -20.14 9.82
C LYS B 144 -25.20 -19.35 9.57
N LYS B 145 -25.16 -18.08 9.15
CA LYS B 145 -26.39 -17.29 9.05
C LYS B 145 -27.07 -17.53 7.72
N ASP B 146 -27.21 -18.80 7.32
CA ASP B 146 -27.93 -19.19 6.10
C ASP B 146 -27.45 -18.37 4.90
N GLU B 147 -26.15 -18.11 4.85
CA GLU B 147 -25.56 -17.31 3.78
C GLU B 147 -25.13 -18.22 2.63
N VAL B 148 -25.39 -17.75 1.41
CA VAL B 148 -25.09 -18.53 0.21
C VAL B 148 -23.64 -18.28 -0.20
N TYR B 149 -22.93 -19.36 -0.50
CA TYR B 149 -21.53 -19.30 -0.91
C TYR B 149 -21.40 -19.75 -2.35
N LEU B 150 -20.70 -18.96 -3.16
CA LEU B 150 -20.42 -19.32 -4.54
C LEU B 150 -19.05 -20.01 -4.61
N ASN B 151 -19.02 -21.17 -5.26
CA ASN B 151 -17.80 -21.96 -5.41
C ASN B 151 -17.41 -22.00 -6.88
N LEU B 152 -16.16 -21.66 -7.17
CA LEU B 152 -15.64 -21.64 -8.54
C LEU B 152 -14.59 -22.74 -8.67
N VAL B 153 -14.94 -23.80 -9.40
CA VAL B 153 -14.00 -24.89 -9.66
C VAL B 153 -13.13 -24.47 -10.83
N LEU B 154 -11.86 -24.20 -10.56
CA LEU B 154 -10.92 -23.70 -11.56
C LEU B 154 -9.77 -24.69 -11.71
N ASP B 155 -8.92 -24.41 -12.70
CA ASP B 155 -7.71 -25.19 -12.89
C ASP B 155 -6.81 -25.09 -11.66
N TYR B 156 -5.98 -26.11 -11.48
CA TYR B 156 -4.92 -26.06 -10.47
C TYR B 156 -3.58 -25.91 -11.18
N VAL B 157 -2.84 -24.89 -10.78
CA VAL B 157 -1.48 -24.66 -11.28
C VAL B 157 -0.58 -24.58 -10.05
N PRO B 158 0.50 -25.38 -9.98
CA PRO B 158 1.17 -25.58 -8.69
C PRO B 158 1.96 -24.38 -8.17
N GLU B 159 2.40 -23.47 -9.04
CA GLU B 159 3.26 -22.37 -8.60
C GLU B 159 2.75 -21.04 -9.13
N THR B 160 3.35 -19.96 -8.63
CA THR B 160 3.06 -18.60 -9.07
C THR B 160 4.35 -17.90 -9.43
N VAL B 161 4.21 -16.79 -10.17
CA VAL B 161 5.38 -15.98 -10.51
C VAL B 161 5.99 -15.38 -9.25
N TYR B 162 5.14 -14.97 -8.30
CA TYR B 162 5.63 -14.37 -7.06
C TYR B 162 6.55 -15.33 -6.31
N ARG B 163 6.12 -16.58 -6.13
CA ARG B 163 6.92 -17.53 -5.37
C ARG B 163 8.19 -17.91 -6.11
N VAL B 164 8.11 -18.09 -7.43
CA VAL B 164 9.30 -18.44 -8.21
C VAL B 164 10.31 -17.31 -8.16
N ALA B 165 9.85 -16.07 -8.37
CA ALA B 165 10.75 -14.93 -8.27
C ALA B 165 11.34 -14.78 -6.87
N ARG B 166 10.54 -15.09 -5.84
CA ARG B 166 11.03 -14.96 -4.47
C ARG B 166 12.18 -15.93 -4.19
N HIS B 167 12.22 -17.06 -4.89
CA HIS B 167 13.31 -18.02 -4.70
C HIS B 167 14.62 -17.47 -5.26
N TYR B 168 14.59 -16.92 -6.48
CA TYR B 168 15.80 -16.38 -7.08
C TYR B 168 16.28 -15.15 -6.32
N SER B 169 15.35 -14.33 -5.81
CA SER B 169 15.74 -13.17 -5.02
C SER B 169 16.43 -13.59 -3.73
N ARG B 170 15.90 -14.62 -3.07
CA ARG B 170 16.53 -15.11 -1.84
C ARG B 170 17.90 -15.69 -2.13
N ALA B 171 18.02 -16.49 -3.19
CA ALA B 171 19.30 -17.07 -3.57
C ALA B 171 20.24 -16.06 -4.22
N LYS B 172 19.87 -14.78 -4.27
CA LYS B 172 20.73 -13.71 -4.76
C LYS B 172 21.14 -13.96 -6.22
N GLN B 173 20.18 -14.35 -7.04
CA GLN B 173 20.36 -14.46 -8.48
C GLN B 173 19.13 -13.92 -9.17
N THR B 174 19.19 -13.86 -10.50
CA THR B 174 18.06 -13.39 -11.31
C THR B 174 17.52 -14.55 -12.14
N LEU B 175 16.21 -14.59 -12.29
CA LEU B 175 15.57 -15.59 -13.12
C LEU B 175 16.16 -15.54 -14.53
N PRO B 176 16.55 -16.68 -15.11
CA PRO B 176 17.09 -16.67 -16.46
C PRO B 176 16.13 -15.99 -17.44
N VAL B 177 16.71 -15.24 -18.38
CA VAL B 177 15.92 -14.38 -19.25
C VAL B 177 14.94 -15.20 -20.09
N ILE B 178 15.27 -16.46 -20.39
CA ILE B 178 14.37 -17.30 -21.17
C ILE B 178 13.05 -17.50 -20.44
N TYR B 179 13.10 -17.65 -19.11
CA TYR B 179 11.87 -17.76 -18.33
C TYR B 179 11.16 -16.40 -18.22
N VAL B 180 11.92 -15.31 -18.21
CA VAL B 180 11.32 -13.98 -18.23
C VAL B 180 10.60 -13.76 -19.55
N LYS B 181 11.18 -14.26 -20.65
CA LYS B 181 10.52 -14.16 -21.95
C LYS B 181 9.22 -14.94 -21.97
N LEU B 182 9.28 -16.21 -21.54
CA LEU B 182 8.10 -17.08 -21.63
C LEU B 182 6.96 -16.58 -20.76
N TYR B 183 7.26 -16.14 -19.53
CA TYR B 183 6.21 -15.71 -18.63
C TYR B 183 5.60 -14.39 -19.09
N MET B 184 6.44 -13.43 -19.48
CA MET B 184 5.93 -12.13 -19.91
C MET B 184 5.09 -12.26 -21.17
N TYR B 185 5.53 -13.07 -22.13
CA TYR B 185 4.80 -13.22 -23.39
C TYR B 185 3.40 -13.77 -23.15
N GLN B 186 3.31 -14.85 -22.36
CA GLN B 186 2.00 -15.44 -22.08
C GLN B 186 1.10 -14.49 -21.32
N LEU B 187 1.67 -13.64 -20.46
CA LEU B 187 0.87 -12.65 -19.75
C LEU B 187 0.29 -11.62 -20.72
N PHE B 188 1.10 -11.15 -21.67
CA PHE B 188 0.60 -10.19 -22.66
C PHE B 188 -0.44 -10.84 -23.56
N ARG B 189 -0.27 -12.12 -23.88
CA ARG B 189 -1.28 -12.83 -24.66
C ARG B 189 -2.60 -12.89 -23.90
N SER B 190 -2.54 -13.08 -22.58
CA SER B 190 -3.77 -13.10 -21.79
C SER B 190 -4.40 -11.71 -21.69
N LEU B 191 -3.57 -10.68 -21.59
CA LEU B 191 -4.11 -9.32 -21.56
C LEU B 191 -4.70 -8.93 -22.91
N ALA B 192 -4.04 -9.32 -24.01
CA ALA B 192 -4.56 -9.02 -25.34
C ALA B 192 -5.91 -9.69 -25.56
N TYR B 193 -6.15 -10.83 -24.91
CA TYR B 193 -7.42 -11.53 -25.07
C TYR B 193 -8.54 -10.79 -24.34
N ILE B 194 -8.37 -10.57 -23.03
CA ILE B 194 -9.44 -9.95 -22.25
C ILE B 194 -9.70 -8.52 -22.70
N HIS B 195 -8.66 -7.81 -23.15
CA HIS B 195 -8.86 -6.43 -23.61
C HIS B 195 -9.69 -6.38 -24.88
N SER B 196 -9.61 -7.41 -25.72
CA SER B 196 -10.43 -7.45 -26.92
C SER B 196 -11.93 -7.52 -26.59
N PHE B 197 -12.28 -7.97 -25.40
CA PHE B 197 -13.65 -7.92 -24.91
C PHE B 197 -13.96 -6.63 -24.19
N GLY B 198 -12.99 -5.72 -24.07
CA GLY B 198 -13.16 -4.55 -23.24
C GLY B 198 -13.00 -4.80 -21.76
N ILE B 199 -12.54 -5.97 -21.37
CA ILE B 199 -12.40 -6.34 -19.96
C ILE B 199 -11.00 -5.96 -19.49
N CYS B 200 -10.93 -5.33 -18.32
CA CYS B 200 -9.67 -4.96 -17.69
C CYS B 200 -9.51 -5.74 -16.40
N HIS B 201 -8.35 -6.37 -16.23
CA HIS B 201 -8.10 -7.18 -15.04
C HIS B 201 -8.03 -6.33 -13.78
N ARG B 202 -7.32 -5.19 -13.86
CA ARG B 202 -7.19 -4.19 -12.81
C ARG B 202 -6.46 -4.70 -11.56
N ASP B 203 -5.77 -5.84 -11.64
CA ASP B 203 -5.01 -6.33 -10.50
C ASP B 203 -3.87 -7.24 -10.95
N ILE B 204 -3.10 -6.80 -11.94
CA ILE B 204 -2.00 -7.60 -12.46
C ILE B 204 -0.84 -7.51 -11.48
N LYS B 205 -0.50 -8.64 -10.86
CA LYS B 205 0.60 -8.73 -9.91
C LYS B 205 1.12 -10.16 -9.93
N PRO B 206 2.37 -10.37 -9.51
CA PRO B 206 2.95 -11.72 -9.61
C PRO B 206 2.18 -12.78 -8.85
N GLN B 207 1.47 -12.42 -7.78
CA GLN B 207 0.67 -13.38 -7.05
C GLN B 207 -0.48 -13.93 -7.89
N ASN B 208 -0.94 -13.17 -8.89
CA ASN B 208 -2.04 -13.58 -9.75
C ASN B 208 -1.55 -14.17 -11.07
N LEU B 209 -0.29 -14.59 -11.14
CA LEU B 209 0.29 -15.20 -12.34
C LEU B 209 0.74 -16.61 -11.98
N LEU B 210 -0.11 -17.59 -12.26
CA LEU B 210 0.18 -18.98 -11.93
C LEU B 210 1.17 -19.58 -12.93
N LEU B 211 1.97 -20.53 -12.46
CA LEU B 211 3.01 -21.14 -13.26
C LEU B 211 3.02 -22.65 -13.07
N ASP B 212 3.15 -23.38 -14.17
CA ASP B 212 3.50 -24.79 -14.13
C ASP B 212 4.97 -24.90 -14.44
N PRO B 213 5.84 -25.18 -13.47
CA PRO B 213 7.29 -25.12 -13.73
C PRO B 213 7.77 -26.12 -14.77
N ASP B 214 7.12 -27.29 -14.87
CA ASP B 214 7.59 -28.30 -15.81
C ASP B 214 7.27 -27.90 -17.25
N THR B 215 6.07 -27.37 -17.50
CA THR B 215 5.66 -27.01 -18.84
C THR B 215 5.84 -25.53 -19.16
N ALA B 216 6.26 -24.72 -18.18
CA ALA B 216 6.47 -23.28 -18.35
C ALA B 216 5.20 -22.57 -18.81
N VAL B 217 4.05 -23.11 -18.45
CA VAL B 217 2.76 -22.52 -18.79
C VAL B 217 2.40 -21.48 -17.74
N LEU B 218 2.01 -20.30 -18.19
CA LEU B 218 1.52 -19.24 -17.31
C LEU B 218 0.03 -19.05 -17.52
N LYS B 219 -0.70 -18.90 -16.42
CA LYS B 219 -2.16 -18.73 -16.48
C LYS B 219 -2.56 -17.61 -15.55
N LEU B 220 -3.21 -16.59 -16.10
CA LEU B 220 -3.69 -15.47 -15.29
C LEU B 220 -4.92 -15.91 -14.49
N CYS B 221 -5.01 -15.42 -13.25
CA CYS B 221 -6.08 -15.80 -12.35
C CYS B 221 -6.51 -14.59 -11.54
N ASP B 222 -7.46 -14.81 -10.64
CA ASP B 222 -8.05 -13.76 -9.80
C ASP B 222 -8.76 -12.58 -10.44
N PHE B 223 -9.90 -12.85 -11.09
CA PHE B 223 -10.71 -11.82 -11.70
C PHE B 223 -11.75 -11.10 -10.83
N GLY B 224 -11.56 -11.12 -9.51
CA GLY B 224 -12.47 -10.46 -8.59
C GLY B 224 -12.48 -8.95 -8.70
N SER B 225 -11.52 -8.36 -9.40
CA SER B 225 -11.49 -6.93 -9.66
C SER B 225 -11.73 -6.59 -11.12
N ALA B 226 -11.88 -7.59 -11.98
CA ALA B 226 -12.05 -7.34 -13.41
C ALA B 226 -13.39 -6.68 -13.69
N LYS B 227 -13.40 -5.83 -14.71
CA LYS B 227 -14.59 -5.07 -15.07
C LYS B 227 -14.46 -4.60 -16.50
N GLN B 228 -15.57 -4.62 -17.23
CA GLN B 228 -15.60 -4.07 -18.58
C GLN B 228 -15.56 -2.54 -18.51
N LEU B 229 -14.57 -1.94 -19.15
CA LEU B 229 -14.37 -0.49 -19.13
C LEU B 229 -15.00 0.11 -20.37
N VAL B 230 -16.11 0.83 -20.20
CA VAL B 230 -16.80 1.51 -21.29
C VAL B 230 -16.45 2.99 -21.23
N ARG B 231 -16.15 3.57 -22.39
CA ARG B 231 -15.82 4.99 -22.46
C ARG B 231 -16.99 5.83 -21.98
N GLY B 232 -16.71 6.76 -21.07
CA GLY B 232 -17.71 7.62 -20.49
C GLY B 232 -18.15 7.20 -19.11
N GLU B 233 -18.09 5.90 -18.81
CA GLU B 233 -18.49 5.53 -17.45
C GLU B 233 -17.29 5.61 -16.51
N PRO B 234 -17.48 6.17 -15.32
CA PRO B 234 -16.39 6.22 -14.35
C PRO B 234 -16.19 4.88 -13.66
N ASN B 235 -14.96 4.65 -13.22
CA ASN B 235 -14.60 3.44 -12.50
C ASN B 235 -13.72 3.80 -11.32
N VAL B 236 -13.80 2.98 -10.26
CA VAL B 236 -13.10 3.30 -9.03
C VAL B 236 -11.60 3.32 -9.24
N SER B 237 -10.92 4.20 -8.50
CA SER B 237 -9.48 4.37 -8.61
C SER B 237 -8.71 3.63 -7.53
N TYR B 238 -9.38 2.92 -6.63
CA TYR B 238 -8.73 2.21 -5.55
C TYR B 238 -8.53 0.72 -5.84
N ILE B 239 -8.52 0.34 -7.11
CA ILE B 239 -8.19 -1.03 -7.49
C ILE B 239 -6.69 -1.13 -7.71
N CYS B 240 -6.21 -2.34 -8.02
CA CYS B 240 -4.81 -2.63 -8.30
C CYS B 240 -3.94 -2.53 -7.05
N SER B 241 -3.03 -3.49 -6.87
CA SER B 241 -2.22 -3.58 -5.68
C SER B 241 -1.05 -2.60 -5.73
N ARG B 242 -0.45 -2.36 -4.57
CA ARG B 242 0.70 -1.49 -4.46
C ARG B 242 1.84 -1.98 -5.36
N TYR B 243 2.83 -1.09 -5.56
CA TYR B 243 3.99 -1.35 -6.42
C TYR B 243 3.61 -1.40 -7.89
N TYR B 244 2.40 -1.85 -8.20
CA TYR B 244 1.99 -2.11 -9.58
C TYR B 244 0.89 -1.16 -10.06
N ARG B 245 0.45 -0.22 -9.23
CA ARG B 245 -0.59 0.71 -9.64
C ARG B 245 -0.06 1.68 -10.69
N ALA B 246 -0.87 1.91 -11.72
CA ALA B 246 -0.53 2.88 -12.74
C ALA B 246 -0.56 4.30 -12.15
N PRO B 247 0.22 5.23 -12.70
CA PRO B 247 0.28 6.58 -12.11
C PRO B 247 -1.07 7.28 -12.13
N GLU B 248 -1.84 7.14 -13.21
CA GLU B 248 -3.18 7.73 -13.25
C GLU B 248 -4.07 7.17 -12.14
N LEU B 249 -3.80 5.96 -11.66
CA LEU B 249 -4.54 5.44 -10.52
C LEU B 249 -4.12 6.13 -9.24
N ILE B 250 -2.81 6.38 -9.06
CA ILE B 250 -2.33 7.07 -7.88
C ILE B 250 -2.91 8.48 -7.81
N PHE B 251 -3.05 9.13 -8.96
CA PHE B 251 -3.65 10.45 -9.03
C PHE B 251 -5.17 10.42 -8.90
N GLY B 252 -5.76 9.25 -8.64
CA GLY B 252 -7.18 9.16 -8.40
C GLY B 252 -8.06 9.33 -9.62
N ALA B 253 -7.52 9.18 -10.82
CA ALA B 253 -8.32 9.32 -12.03
C ALA B 253 -9.36 8.21 -12.12
N THR B 254 -10.54 8.56 -12.64
CA THR B 254 -11.63 7.61 -12.81
C THR B 254 -11.93 7.33 -14.27
N ASP B 255 -11.11 7.85 -15.19
CA ASP B 255 -11.31 7.69 -16.63
C ASP B 255 -10.22 6.83 -17.27
N TYR B 256 -9.62 5.93 -16.51
CA TYR B 256 -8.52 5.13 -17.02
C TYR B 256 -9.04 4.07 -17.99
N THR B 257 -8.11 3.55 -18.81
CA THR B 257 -8.42 2.55 -19.82
C THR B 257 -7.72 1.24 -19.46
N SER B 258 -7.72 0.30 -20.41
CA SER B 258 -7.08 -0.99 -20.21
C SER B 258 -5.57 -0.88 -20.06
N SER B 259 -4.98 0.28 -20.36
CA SER B 259 -3.53 0.44 -20.30
C SER B 259 -3.00 0.37 -18.87
N ILE B 260 -3.86 0.36 -17.86
CA ILE B 260 -3.38 0.17 -16.49
C ILE B 260 -2.83 -1.24 -16.32
N ASP B 261 -3.39 -2.22 -17.03
CA ASP B 261 -2.84 -3.57 -17.01
C ASP B 261 -1.45 -3.59 -17.65
N VAL B 262 -1.25 -2.81 -18.70
CA VAL B 262 0.04 -2.76 -19.37
C VAL B 262 1.11 -2.19 -18.44
N TRP B 263 0.77 -1.12 -17.71
CA TRP B 263 1.69 -0.58 -16.73
C TRP B 263 2.01 -1.62 -15.66
N SER B 264 0.99 -2.28 -15.13
CA SER B 264 1.22 -3.33 -14.14
C SER B 264 2.05 -4.46 -14.73
N ALA B 265 1.82 -4.78 -16.00
CA ALA B 265 2.64 -5.78 -16.67
C ALA B 265 4.09 -5.32 -16.74
N GLY B 266 4.32 -4.06 -17.11
CA GLY B 266 5.67 -3.53 -17.15
C GLY B 266 6.36 -3.55 -15.80
N CYS B 267 5.60 -3.35 -14.72
CA CYS B 267 6.18 -3.44 -13.38
C CYS B 267 6.63 -4.87 -13.06
N VAL B 268 5.91 -5.86 -13.58
CA VAL B 268 6.32 -7.25 -13.37
C VAL B 268 7.58 -7.55 -14.17
N LEU B 269 7.68 -7.03 -15.39
CA LEU B 269 8.87 -7.25 -16.20
C LEU B 269 10.10 -6.65 -15.54
N ALA B 270 9.99 -5.41 -15.04
CA ALA B 270 11.12 -4.78 -14.39
C ALA B 270 11.50 -5.52 -13.11
N GLU B 271 10.51 -5.99 -12.35
CA GLU B 271 10.81 -6.71 -11.12
C GLU B 271 11.52 -8.04 -11.40
N LEU B 272 11.19 -8.69 -12.51
CA LEU B 272 11.86 -9.94 -12.85
C LEU B 272 13.29 -9.71 -13.32
N LEU B 273 13.55 -8.57 -13.97
CA LEU B 273 14.90 -8.25 -14.38
C LEU B 273 15.76 -7.76 -13.22
N LEU B 274 15.15 -7.06 -12.26
CA LEU B 274 15.90 -6.50 -11.13
C LEU B 274 16.04 -7.47 -9.97
N GLY B 275 15.05 -8.32 -9.74
CA GLY B 275 15.00 -9.15 -8.56
C GLY B 275 14.27 -8.53 -7.39
N GLN B 276 13.61 -7.41 -7.59
CA GLN B 276 12.88 -6.69 -6.56
C GLN B 276 11.96 -5.68 -7.23
N PRO B 277 10.92 -5.21 -6.55
CA PRO B 277 10.00 -4.25 -7.17
C PRO B 277 10.72 -2.97 -7.57
N ILE B 278 10.30 -2.41 -8.70
CA ILE B 278 10.96 -1.22 -9.24
C ILE B 278 10.39 0.07 -8.67
N PHE B 279 9.11 0.09 -8.31
CA PHE B 279 8.45 1.29 -7.77
C PHE B 279 7.83 0.97 -6.41
N PRO B 280 8.64 0.77 -5.38
CA PRO B 280 8.11 0.46 -4.06
C PRO B 280 7.67 1.72 -3.33
N GLY B 281 6.97 1.51 -2.22
CA GLY B 281 6.48 2.60 -1.41
C GLY B 281 5.20 2.29 -0.68
N ASP B 282 5.12 2.67 0.59
CA ASP B 282 3.92 2.43 1.39
C ASP B 282 2.84 3.46 1.17
N SER B 283 3.12 4.52 0.42
CA SER B 283 2.14 5.55 0.13
C SER B 283 2.25 5.94 -1.34
N GLY B 284 1.22 6.63 -1.83
CA GLY B 284 1.26 7.11 -3.20
C GLY B 284 2.37 8.11 -3.44
N VAL B 285 2.69 8.93 -2.43
CA VAL B 285 3.79 9.87 -2.54
C VAL B 285 5.11 9.13 -2.71
N ASP B 286 5.32 8.08 -1.91
CA ASP B 286 6.55 7.30 -2.03
C ASP B 286 6.61 6.58 -3.38
N GLN B 287 5.50 6.00 -3.81
CA GLN B 287 5.47 5.32 -5.10
C GLN B 287 5.77 6.29 -6.24
N LEU B 288 5.15 7.48 -6.20
CA LEU B 288 5.37 8.46 -7.26
C LEU B 288 6.82 8.89 -7.31
N VAL B 289 7.44 9.15 -6.15
CA VAL B 289 8.83 9.60 -6.11
C VAL B 289 9.74 8.58 -6.78
N GLU B 290 9.54 7.29 -6.49
CA GLU B 290 10.34 6.26 -7.13
C GLU B 290 10.11 6.22 -8.63
N ILE B 291 8.91 6.62 -9.08
CA ILE B 291 8.64 6.69 -10.51
C ILE B 291 9.34 7.90 -11.13
N ILE B 292 9.33 9.04 -10.43
CA ILE B 292 10.02 10.23 -10.94
C ILE B 292 11.52 9.96 -11.07
N LYS B 293 12.08 9.20 -10.13
CA LYS B 293 13.51 8.92 -10.17
C LYS B 293 13.91 8.15 -11.42
N VAL B 294 12.98 7.41 -12.02
CA VAL B 294 13.26 6.61 -13.21
C VAL B 294 12.76 7.29 -14.47
N LEU B 295 11.52 7.78 -14.46
CA LEU B 295 10.90 8.36 -15.65
C LEU B 295 11.16 9.86 -15.79
N GLY B 296 11.67 10.52 -14.75
CA GLY B 296 11.81 11.95 -14.77
C GLY B 296 10.50 12.65 -14.43
N THR B 297 10.60 13.96 -14.24
CA THR B 297 9.42 14.73 -13.90
C THR B 297 8.47 14.76 -15.10
N PRO B 298 7.20 14.39 -14.92
CA PRO B 298 6.26 14.42 -16.04
C PRO B 298 5.92 15.85 -16.44
N THR B 299 5.93 16.10 -17.74
CA THR B 299 5.55 17.41 -18.25
C THR B 299 4.08 17.69 -17.94
N ARG B 300 3.73 18.99 -17.97
CA ARG B 300 2.35 19.38 -17.74
C ARG B 300 1.41 18.73 -18.74
N GLU B 301 1.91 18.44 -19.94
CA GLU B 301 1.12 17.70 -20.92
C GLU B 301 0.84 16.27 -20.44
N GLN B 302 1.86 15.63 -19.86
CA GLN B 302 1.67 14.26 -19.38
C GLN B 302 0.79 14.21 -18.15
N ILE B 303 0.81 15.25 -17.31
CA ILE B 303 -0.08 15.31 -16.16
C ILE B 303 -1.53 15.38 -16.62
N ARG B 304 -1.80 16.18 -17.66
CA ARG B 304 -3.16 16.32 -18.15
C ARG B 304 -3.66 15.02 -18.79
N GLU B 305 -2.78 14.30 -19.48
CA GLU B 305 -3.16 13.03 -20.08
C GLU B 305 -3.38 11.93 -19.03
N MET B 306 -2.75 12.06 -17.87
CA MET B 306 -2.90 11.08 -16.81
C MET B 306 -4.19 11.31 -16.04
N ASN B 307 -4.21 12.33 -15.21
CA ASN B 307 -5.42 12.75 -14.49
C ASN B 307 -5.75 14.17 -14.90
N PRO B 308 -6.87 14.41 -15.60
CA PRO B 308 -7.16 15.76 -16.08
C PRO B 308 -7.43 16.76 -14.97
N ASN B 309 -7.91 16.29 -13.81
CA ASN B 309 -8.27 17.21 -12.72
C ASN B 309 -7.06 17.98 -12.20
N TYR B 310 -5.84 17.46 -12.39
CA TYR B 310 -4.63 18.05 -11.84
C TYR B 310 -4.75 18.14 -10.32
N THR B 311 -4.24 17.12 -9.61
CA THR B 311 -4.46 16.98 -8.17
C THR B 311 -3.84 18.13 -7.37
N GLU B 312 -3.26 19.11 -8.05
CA GLU B 312 -2.68 20.30 -7.41
C GLU B 312 -1.50 19.94 -6.52
N PHE B 313 -0.45 19.42 -7.16
CA PHE B 313 0.78 19.09 -6.45
C PHE B 313 1.97 19.46 -7.33
N LYS B 314 3.07 19.84 -6.68
CA LYS B 314 4.32 20.17 -7.36
C LYS B 314 5.38 19.16 -6.93
N PHE B 315 6.06 18.59 -7.92
CA PHE B 315 7.03 17.53 -7.69
C PHE B 315 8.46 18.04 -7.90
N PRO B 316 9.44 17.44 -7.24
CA PRO B 316 10.84 17.84 -7.47
C PRO B 316 11.25 17.55 -8.91
N GLN B 317 12.00 18.48 -9.49
CA GLN B 317 12.43 18.39 -10.89
C GLN B 317 13.65 17.48 -10.96
N ILE B 318 13.43 16.22 -11.30
CA ILE B 318 14.49 15.22 -11.44
C ILE B 318 14.59 14.83 -12.90
N LYS B 319 15.81 14.78 -13.41
CA LYS B 319 16.03 14.39 -14.80
C LYS B 319 15.75 12.89 -14.98
N ALA B 320 15.59 12.49 -16.23
CA ALA B 320 15.25 11.10 -16.54
C ALA B 320 16.46 10.20 -16.29
N HIS B 321 16.29 9.23 -15.42
CA HIS B 321 17.31 8.22 -15.22
C HIS B 321 17.51 7.43 -16.52
N PRO B 322 18.74 7.33 -17.03
CA PRO B 322 18.97 6.47 -18.20
C PRO B 322 18.55 5.04 -17.90
N TRP B 323 17.59 4.54 -18.69
CA TRP B 323 17.02 3.22 -18.44
C TRP B 323 18.09 2.14 -18.34
N THR B 324 19.19 2.29 -19.07
CA THR B 324 20.26 1.29 -19.05
C THR B 324 21.01 1.27 -17.71
N LYS B 325 20.92 2.34 -16.93
CA LYS B 325 21.55 2.38 -15.61
C LYS B 325 20.64 1.82 -14.52
N VAL B 326 19.41 1.45 -14.85
CA VAL B 326 18.49 0.94 -13.83
C VAL B 326 18.77 -0.52 -13.53
N PHE B 327 19.11 -1.30 -14.55
CA PHE B 327 19.26 -2.74 -14.43
C PHE B 327 20.74 -3.12 -14.35
N ARG B 328 20.98 -4.41 -14.10
CA ARG B 328 22.32 -4.94 -14.09
C ARG B 328 22.95 -4.79 -15.47
N PRO B 329 24.29 -4.71 -15.51
CA PRO B 329 24.97 -4.49 -16.79
C PRO B 329 24.64 -5.51 -17.86
N ARG B 330 24.49 -6.78 -17.49
CA ARG B 330 24.25 -7.83 -18.47
C ARG B 330 22.79 -7.95 -18.89
N THR B 331 21.93 -7.01 -18.50
CA THR B 331 20.54 -7.07 -18.91
C THR B 331 20.42 -6.87 -20.41
N PRO B 332 19.65 -7.70 -21.12
CA PRO B 332 19.51 -7.54 -22.58
C PRO B 332 18.93 -6.18 -22.92
N PRO B 333 19.48 -5.50 -23.93
CA PRO B 333 18.92 -4.20 -24.31
C PRO B 333 17.50 -4.27 -24.81
N GLU B 334 17.10 -5.39 -25.43
CA GLU B 334 15.71 -5.54 -25.88
C GLU B 334 14.75 -5.56 -24.69
N ALA B 335 15.19 -6.08 -23.55
CA ALA B 335 14.35 -6.07 -22.36
C ALA B 335 14.17 -4.64 -21.83
N ILE B 336 15.26 -3.88 -21.77
CA ILE B 336 15.17 -2.49 -21.32
C ILE B 336 14.33 -1.68 -22.30
N ALA B 337 14.44 -1.98 -23.60
CA ALA B 337 13.65 -1.26 -24.60
C ALA B 337 12.16 -1.52 -24.40
N LEU B 338 11.78 -2.76 -24.09
CA LEU B 338 10.36 -3.07 -23.88
C LEU B 338 9.84 -2.41 -22.62
N CYS B 339 10.67 -2.34 -21.57
CA CYS B 339 10.24 -1.70 -20.33
C CYS B 339 9.91 -0.23 -20.56
N SER B 340 10.76 0.48 -21.29
CA SER B 340 10.55 1.91 -21.53
C SER B 340 9.30 2.18 -22.35
N ARG B 341 8.82 1.20 -23.12
CA ARG B 341 7.62 1.36 -23.91
C ARG B 341 6.36 0.88 -23.19
N LEU B 342 6.50 0.23 -22.04
CA LEU B 342 5.37 -0.13 -21.20
C LEU B 342 5.15 0.85 -20.05
N LEU B 343 6.23 1.27 -19.39
CA LEU B 343 6.13 2.18 -18.25
C LEU B 343 6.24 3.63 -18.73
N GLU B 344 5.19 4.06 -19.43
CA GLU B 344 5.09 5.42 -19.94
C GLU B 344 4.07 6.20 -19.14
N TYR B 345 4.32 7.50 -18.98
CA TYR B 345 3.38 8.37 -18.27
C TYR B 345 2.04 8.44 -18.99
N THR B 346 2.06 8.81 -20.26
CA THR B 346 0.83 8.94 -21.03
C THR B 346 0.25 7.56 -21.30
N PRO B 347 -0.97 7.26 -20.83
CA PRO B 347 -1.51 5.90 -21.00
C PRO B 347 -1.71 5.49 -22.45
N THR B 348 -2.01 6.44 -23.34
CA THR B 348 -2.16 6.11 -24.75
C THR B 348 -0.82 5.89 -25.45
N ALA B 349 0.29 6.25 -24.81
CA ALA B 349 1.61 6.06 -25.38
C ALA B 349 2.21 4.70 -25.07
N ARG B 350 1.56 3.92 -24.20
CA ARG B 350 2.06 2.60 -23.86
C ARG B 350 1.65 1.58 -24.91
N LEU B 351 2.47 0.55 -25.07
CA LEU B 351 2.17 -0.50 -26.03
C LEU B 351 0.89 -1.22 -25.65
N THR B 352 0.14 -1.64 -26.68
CA THR B 352 -0.96 -2.55 -26.44
C THR B 352 -0.40 -3.93 -26.11
N PRO B 353 -1.18 -4.75 -25.41
CA PRO B 353 -0.71 -6.12 -25.12
C PRO B 353 -0.31 -6.89 -26.37
N LEU B 354 -1.01 -6.68 -27.49
CA LEU B 354 -0.64 -7.37 -28.72
C LEU B 354 0.68 -6.85 -29.28
N GLU B 355 0.88 -5.52 -29.24
CA GLU B 355 2.13 -4.95 -29.72
C GLU B 355 3.31 -5.42 -28.87
N ALA B 356 3.07 -5.73 -27.59
CA ALA B 356 4.14 -6.23 -26.74
C ALA B 356 4.53 -7.65 -27.13
N CYS B 357 3.57 -8.46 -27.57
CA CYS B 357 3.90 -9.83 -27.97
C CYS B 357 4.80 -9.84 -29.21
N ALA B 358 4.69 -8.83 -30.06
CA ALA B 358 5.48 -8.74 -31.28
C ALA B 358 6.79 -7.99 -31.07
N HIS B 359 7.13 -7.64 -29.83
CA HIS B 359 8.36 -6.93 -29.56
C HIS B 359 9.58 -7.82 -29.83
N SER B 360 10.71 -7.18 -30.15
CA SER B 360 11.93 -7.93 -30.43
C SER B 360 12.46 -8.68 -29.22
N PHE B 361 11.98 -8.33 -28.01
CA PHE B 361 12.43 -9.04 -26.81
C PHE B 361 11.99 -10.50 -26.82
N PHE B 362 10.90 -10.82 -27.53
CA PHE B 362 10.38 -12.18 -27.59
C PHE B 362 10.80 -12.92 -28.86
N ASP B 363 11.83 -12.43 -29.55
CA ASP B 363 12.26 -13.06 -30.80
C ASP B 363 12.80 -14.46 -30.57
N GLU B 364 13.47 -14.70 -29.45
CA GLU B 364 13.98 -16.03 -29.16
C GLU B 364 12.85 -17.06 -29.05
N LEU B 365 11.67 -16.64 -28.61
CA LEU B 365 10.56 -17.55 -28.50
C LEU B 365 10.08 -18.03 -29.87
N ARG B 366 10.21 -17.19 -30.89
CA ARG B 366 9.80 -17.53 -32.25
C ARG B 366 10.89 -18.25 -33.02
N ASP B 367 12.03 -18.55 -32.40
CA ASP B 367 13.05 -19.35 -33.06
C ASP B 367 12.59 -20.79 -33.14
N PRO B 368 12.73 -21.45 -34.30
CA PRO B 368 12.21 -22.82 -34.44
C PRO B 368 12.98 -23.86 -33.65
N ASN B 369 14.13 -23.52 -33.09
CA ASN B 369 14.94 -24.47 -32.35
C ASN B 369 14.95 -24.21 -30.85
N VAL B 370 14.09 -23.31 -30.37
CA VAL B 370 14.05 -23.02 -28.95
C VAL B 370 13.48 -24.20 -28.19
N LYS B 371 14.04 -24.47 -27.01
CA LYS B 371 13.56 -25.53 -26.14
C LYS B 371 13.64 -25.05 -24.70
N LEU B 372 12.94 -25.75 -23.83
CA LEU B 372 13.00 -25.41 -22.41
C LEU B 372 14.32 -25.90 -21.82
N PRO B 373 14.79 -25.25 -20.74
CA PRO B 373 16.02 -25.72 -20.08
C PRO B 373 15.94 -27.15 -19.59
N ASN B 374 14.74 -27.69 -19.34
CA ASN B 374 14.59 -29.07 -18.92
C ASN B 374 14.41 -30.03 -20.07
N GLY B 375 14.47 -29.56 -21.32
CA GLY B 375 14.45 -30.40 -22.49
C GLY B 375 13.15 -30.40 -23.26
N ARG B 376 12.03 -30.08 -22.61
CA ARG B 376 10.74 -30.12 -23.28
C ARG B 376 10.61 -28.96 -24.26
N ASP B 377 9.60 -29.06 -25.13
CA ASP B 377 9.31 -27.99 -26.06
C ASP B 377 8.62 -26.84 -25.35
N THR B 378 8.64 -25.67 -26.00
CA THR B 378 7.90 -24.53 -25.47
C THR B 378 6.41 -24.80 -25.55
N PRO B 379 5.62 -24.27 -24.60
CA PRO B 379 4.17 -24.48 -24.65
C PRO B 379 3.52 -23.74 -25.80
N ALA B 380 2.19 -23.76 -25.86
CA ALA B 380 1.47 -23.07 -26.91
C ALA B 380 1.77 -21.57 -26.88
N LEU B 381 2.29 -21.06 -27.98
CA LEU B 381 2.63 -19.64 -28.08
C LEU B 381 2.06 -18.94 -29.31
N PHE B 382 1.61 -19.68 -30.33
CA PHE B 382 1.19 -19.08 -31.57
C PHE B 382 -0.22 -19.46 -32.00
N ASN B 383 -0.96 -20.22 -31.21
CA ASN B 383 -2.31 -20.61 -31.56
C ASN B 383 -3.28 -19.43 -31.40
N PHE B 384 -2.99 -18.33 -32.07
CA PHE B 384 -3.83 -17.15 -31.98
C PHE B 384 -5.16 -17.37 -32.67
N THR B 385 -6.17 -16.63 -32.23
CA THR B 385 -7.49 -16.63 -32.84
C THR B 385 -7.78 -15.25 -33.43
N THR B 386 -8.83 -15.18 -34.25
CA THR B 386 -9.24 -13.90 -34.82
C THR B 386 -9.61 -12.90 -33.74
N GLN B 387 -10.29 -13.37 -32.68
CA GLN B 387 -10.65 -12.48 -31.59
C GLN B 387 -9.41 -11.96 -30.87
N GLU B 388 -8.39 -12.80 -30.73
CA GLU B 388 -7.19 -12.39 -30.02
C GLU B 388 -6.39 -11.34 -30.78
N LEU B 389 -6.47 -11.35 -32.11
CA LEU B 389 -5.72 -10.43 -32.95
C LEU B 389 -6.56 -9.27 -33.46
N SER B 390 -7.79 -9.12 -32.97
CA SER B 390 -8.69 -8.11 -33.51
C SER B 390 -8.16 -6.70 -33.31
N SER B 391 -7.33 -6.49 -32.29
CA SER B 391 -6.79 -5.16 -32.04
C SER B 391 -5.87 -4.70 -33.17
N ASN B 392 -5.18 -5.63 -33.81
CA ASN B 392 -4.22 -5.32 -34.86
C ASN B 392 -3.93 -6.57 -35.69
N PRO B 393 -4.82 -6.94 -36.60
CA PRO B 393 -4.64 -8.18 -37.37
C PRO B 393 -3.32 -8.24 -38.14
N PRO B 394 -2.85 -7.11 -38.77
CA PRO B 394 -1.56 -7.19 -39.49
C PRO B 394 -0.39 -7.72 -38.68
N LEU B 395 -0.51 -7.72 -37.35
CA LEU B 395 0.56 -8.23 -36.50
C LEU B 395 0.71 -9.75 -36.57
N ALA B 396 -0.17 -10.46 -37.29
CA ALA B 396 -0.06 -11.91 -37.37
C ALA B 396 1.18 -12.35 -38.14
N THR B 397 1.67 -11.50 -39.05
CA THR B 397 2.87 -11.85 -39.81
C THR B 397 4.08 -12.01 -38.90
N ILE B 398 4.13 -11.28 -37.80
CA ILE B 398 5.23 -11.39 -36.84
C ILE B 398 4.91 -12.39 -35.75
N LEU B 399 3.68 -12.39 -35.24
CA LEU B 399 3.34 -13.22 -34.09
C LEU B 399 3.35 -14.70 -34.42
N ILE B 400 3.02 -15.06 -35.65
CA ILE B 400 3.02 -16.46 -36.08
C ILE B 400 4.26 -16.70 -36.93
N PRO B 401 5.30 -17.32 -36.40
CA PRO B 401 6.52 -17.53 -37.18
C PRO B 401 6.27 -18.50 -38.33
N PRO B 402 7.12 -18.46 -39.36
CA PRO B 402 6.89 -19.32 -40.54
C PRO B 402 6.78 -20.81 -40.21
N HIS B 403 7.31 -21.26 -39.07
CA HIS B 403 7.38 -22.67 -38.74
C HIS B 403 6.28 -23.14 -37.81
N ALA B 404 5.23 -22.34 -37.62
CA ALA B 404 4.23 -22.63 -36.58
C ALA B 404 3.35 -23.82 -36.93
N ARG B 405 2.10 -23.56 -37.30
CA ARG B 405 1.14 -24.62 -37.57
C ARG B 405 1.51 -25.44 -38.80
#